data_6W4M
#
_entry.id   6W4M
#
_cell.length_a   52.687
_cell.length_b   69.522
_cell.length_c   213.468
_cell.angle_alpha   90.00
_cell.angle_beta   90.00
_cell.angle_gamma   90.00
#
_symmetry.space_group_name_H-M   'P 21 21 21'
#
loop_
_entity.id
_entity.type
_entity.pdbx_description
1 polymer 'clade A/E 93TH057 HIV-1 gp120 core'
2 polymer 'ANTI-HIV ANTIBODY N12-I2 FAB LIGHT CHAIN'
3 polymer 'ANTI-HIV ANTIBODY N12-I2 FAB HEAVY CHAIN'
4 polymer 'M48U1 CD4 MIMETIC PEPTIDE'
5 non-polymer 2-acetamido-2-deoxy-beta-D-glucopyranose
#
loop_
_entity_poly.entity_id
_entity_poly.type
_entity_poly.pdbx_seq_one_letter_code
_entity_poly.pdbx_strand_id
1 'polypeptide(L)'
;VWKDADTTLFCASDAKAHETEVHNVWATHACVPTDPNPQEIHLENVTENFNMWKNNMVEQMQEDVISLWDQSLQPCVKLT
GGSVIKQACPKISFDPIPIHYCTPAGYVILKCNDKNFNGTGPCKNVSSVQCTHGIKPVVSTQLLLNGSLAEEEIIIRSEN
LTNNAKTIIVHLNKSVEINCTRPSNGGSGSGGDIRKAYCEINGTKWNKVLKQVTEKLKEHFNNKTIIFQPPSGGDLEITM
HSFNCRGEFFYCNTTQLFNNTCIGNETMKGCNGTITLPCKIKQIINMWQGTGQAMYAPPIDGKINCVSNITGILLTRDGG
ANNTSNETFRPGGGNIKDNWRSELYKYKVVQIE
;
G
2 'polypeptide(L)'
;EIVMMQSPGTLSLSPGERATLSCRASQSVSSSYLAWYQQKPGQAPRLLIYGASSRATGIPDRFSGSGSGTDFTLTISRLE
PEDFAVYYCQQYGSSPETFGQGTKVEIKRTVAAPSVFIFPPSDEQLKSGTASVVCLLNNFYPREAKVQWKVDNALQSGNS
QESVTEQDSKDSTYSLSSTLTLSKADYEKHKVYACEVTHQGLSSPVTKSFNRGEC
;
L
3 'polypeptide(L)'
;QVQLVQSGAEVKKPGSSVKVSCRASRGTFSSYGITWVRQAPGQGLEWMGGIIPIFDVTNYAQNFQGRVAITTDAEMSTAY
MELRSLKSEDSAVYYCASDSRDFS(TYS)(TYS)EPGTSYSHYYNIMDVWGQGTTVTVSSASTKGPSVFPLAPSSKSTSG
GTAALGCLVKDYFPEPVTVSWNSGALTSGVHTFPAVLQSSGLYSLSSVVTVPSSSLGTQTYICNVNHKPSNTKVDKRVEP
KSCDKTH
;
H
4 'polypeptide(L)' (MPT)NLHFCQLRCKSLGLLGRCA(DPR)T(U2X)CACV(NH2) N
#
# COMPACT_ATOMS: atom_id res chain seq x y z
N ASP A 4 -36.47 26.66 35.90
CA ASP A 4 -35.36 25.96 35.26
C ASP A 4 -35.08 24.62 35.92
N ALA A 5 -34.65 23.65 35.11
CA ALA A 5 -34.34 22.31 35.58
C ALA A 5 -33.53 21.59 34.52
N ASP A 6 -33.22 20.33 34.78
CA ASP A 6 -32.44 19.49 33.87
C ASP A 6 -32.94 18.07 34.01
N THR A 7 -33.64 17.57 32.99
CA THR A 7 -34.39 16.33 33.08
C THR A 7 -34.05 15.41 31.90
N THR A 8 -34.71 14.26 31.89
CA THR A 8 -34.58 13.29 30.81
C THR A 8 -35.37 13.79 29.61
N LEU A 9 -34.67 14.42 28.66
CA LEU A 9 -35.28 14.92 27.43
C LEU A 9 -35.20 13.81 26.40
N PHE A 10 -36.31 13.15 26.15
CA PHE A 10 -36.28 11.95 25.32
C PHE A 10 -36.20 12.30 23.84
N CYS A 11 -35.39 11.53 23.13
CA CYS A 11 -35.36 11.49 21.67
C CYS A 11 -36.78 11.35 21.12
N ALA A 12 -37.16 12.26 20.22
CA ALA A 12 -38.49 12.27 19.61
C ALA A 12 -38.32 12.15 18.09
N SER A 13 -38.78 11.03 17.53
CA SER A 13 -38.43 10.62 16.18
C SER A 13 -39.35 11.22 15.13
N ASP A 14 -39.09 10.80 13.89
CA ASP A 14 -40.03 10.96 12.79
C ASP A 14 -39.80 9.88 11.75
N ALA A 15 -39.29 8.74 12.18
CA ALA A 15 -38.76 7.71 11.31
C ALA A 15 -39.86 6.74 10.85
N LYS A 16 -39.52 5.99 9.81
CA LYS A 16 -40.40 4.98 9.23
C LYS A 16 -39.85 3.61 9.60
N ALA A 17 -40.72 2.73 10.10
CA ALA A 17 -40.32 1.45 10.69
C ALA A 17 -40.00 0.38 9.66
N HIS A 18 -39.67 0.75 8.42
CA HIS A 18 -39.38 -0.23 7.39
C HIS A 18 -38.22 0.15 6.48
N GLU A 19 -37.52 1.25 6.74
CA GLU A 19 -36.41 1.70 5.92
C GLU A 19 -35.10 1.18 6.51
N THR A 20 -34.24 0.63 5.65
CA THR A 20 -32.92 0.18 6.07
C THR A 20 -31.94 1.32 6.27
N GLU A 21 -32.36 2.56 6.03
CA GLU A 21 -31.49 3.71 6.27
C GLU A 21 -31.19 3.83 7.76
N VAL A 22 -29.91 4.03 8.07
CA VAL A 22 -29.43 3.81 9.45
C VAL A 22 -30.00 4.82 10.43
N HIS A 23 -30.34 6.03 9.97
CA HIS A 23 -30.92 6.98 10.91
C HIS A 23 -32.36 6.64 11.27
N ASN A 24 -33.02 5.79 10.47
CA ASN A 24 -34.36 5.30 10.82
C ASN A 24 -34.31 4.06 11.69
N VAL A 25 -33.32 3.19 11.48
CA VAL A 25 -33.19 1.96 12.28
C VAL A 25 -32.59 2.24 13.65
N TRP A 26 -32.30 3.50 13.97
CA TRP A 26 -31.86 3.88 15.30
C TRP A 26 -32.88 4.73 16.04
N ALA A 27 -33.59 5.61 15.33
CA ALA A 27 -34.64 6.39 15.97
C ALA A 27 -35.71 5.49 16.57
N THR A 28 -36.05 4.40 15.87
CA THR A 28 -37.05 3.47 16.37
C THR A 28 -36.70 2.98 17.78
N HIS A 29 -35.41 2.77 18.04
CA HIS A 29 -35.00 2.16 19.31
C HIS A 29 -34.84 3.20 20.41
N ALA A 30 -34.34 4.39 20.08
CA ALA A 30 -34.07 5.42 21.07
C ALA A 30 -35.11 6.54 21.05
N CYS A 31 -35.47 7.02 19.87
CA CYS A 31 -36.50 8.02 19.71
C CYS A 31 -37.91 7.40 19.73
N VAL A 32 -38.90 8.27 19.82
CA VAL A 32 -40.32 7.88 19.84
C VAL A 32 -41.09 8.85 18.97
N PRO A 33 -42.37 8.56 18.60
CA PRO A 33 -43.12 9.49 17.74
C PRO A 33 -43.21 10.91 18.27
N THR A 34 -43.52 11.85 17.37
CA THR A 34 -43.54 13.28 17.66
C THR A 34 -44.90 13.69 18.21
N ASP A 35 -44.91 14.81 18.93
CA ASP A 35 -46.17 15.37 19.41
C ASP A 35 -46.99 15.84 18.22
N PRO A 36 -48.29 15.49 18.15
CA PRO A 36 -49.11 15.85 16.99
C PRO A 36 -49.14 17.35 16.71
N ASN A 37 -50.08 18.06 17.32
CA ASN A 37 -50.14 19.51 17.18
C ASN A 37 -49.30 20.14 18.29
N PRO A 38 -48.06 20.55 18.00
CA PRO A 38 -47.21 21.05 19.07
C PRO A 38 -47.68 22.43 19.54
N GLN A 39 -47.64 22.62 20.85
CA GLN A 39 -48.05 23.90 21.42
C GLN A 39 -47.05 24.98 21.06
N GLU A 40 -47.54 26.20 20.94
CA GLU A 40 -46.68 27.38 20.83
C GLU A 40 -47.47 28.61 21.24
N ILE A 41 -47.71 28.77 22.53
CA ILE A 41 -48.37 29.95 23.06
C ILE A 41 -47.30 30.98 23.41
N HIS A 42 -47.55 32.23 23.02
CA HIS A 42 -46.58 33.30 23.24
C HIS A 42 -46.70 33.77 24.69
N LEU A 43 -45.63 33.54 25.46
CA LEU A 43 -45.64 33.92 26.87
C LEU A 43 -45.66 35.44 26.99
N GLU A 44 -46.61 35.95 27.79
CA GLU A 44 -46.86 37.37 27.91
C GLU A 44 -45.94 37.96 28.97
N ASN A 45 -45.17 38.99 28.58
CA ASN A 45 -44.32 39.76 29.49
C ASN A 45 -43.39 38.85 30.29
N VAL A 46 -42.45 38.26 29.57
CA VAL A 46 -41.55 37.24 30.11
C VAL A 46 -40.11 37.57 29.72
N THR A 47 -39.19 37.33 30.65
CA THR A 47 -37.75 37.56 30.43
C THR A 47 -37.02 36.32 30.92
N GLU A 48 -36.57 35.48 29.99
CA GLU A 48 -35.88 34.24 30.31
C GLU A 48 -34.42 34.32 29.87
N ASN A 49 -33.52 33.87 30.74
CA ASN A 49 -32.09 33.88 30.45
C ASN A 49 -31.69 32.53 29.85
N PHE A 50 -30.94 32.59 28.75
CA PHE A 50 -30.52 31.40 28.02
C PHE A 50 -29.01 31.29 28.01
N ASN A 51 -28.52 30.07 27.85
CA ASN A 51 -27.08 29.83 27.67
C ASN A 51 -26.95 28.63 26.75
N MET A 52 -26.64 28.89 25.48
CA MET A 52 -26.47 27.83 24.50
C MET A 52 -25.32 26.90 24.85
N TRP A 53 -24.36 27.36 25.66
CA TRP A 53 -23.20 26.57 26.03
C TRP A 53 -23.41 25.73 27.27
N LYS A 54 -24.59 25.79 27.89
CA LYS A 54 -24.90 25.01 29.08
C LYS A 54 -26.15 24.16 28.96
N ASN A 55 -27.02 24.44 28.00
CA ASN A 55 -28.27 23.71 27.84
C ASN A 55 -27.99 22.22 27.64
N ASN A 56 -28.39 21.40 28.62
CA ASN A 56 -28.10 19.97 28.61
C ASN A 56 -28.60 19.29 27.35
N MET A 57 -29.52 19.92 26.61
CA MET A 57 -29.91 19.40 25.31
C MET A 57 -28.69 19.14 24.43
N VAL A 58 -27.65 19.96 24.57
CA VAL A 58 -26.39 19.69 23.87
C VAL A 58 -25.78 18.41 24.37
N GLU A 59 -25.66 18.26 25.70
CA GLU A 59 -25.10 17.04 26.27
C GLU A 59 -25.97 15.84 25.95
N GLN A 60 -27.30 15.99 26.06
CA GLN A 60 -28.20 14.89 25.73
C GLN A 60 -28.01 14.44 24.29
N MET A 61 -27.78 15.38 23.37
CA MET A 61 -27.64 15.02 21.96
C MET A 61 -26.27 14.39 21.68
N GLN A 62 -25.20 15.02 22.16
CA GLN A 62 -23.86 14.48 21.96
C GLN A 62 -23.76 13.06 22.48
N GLU A 63 -24.18 12.84 23.73
CA GLU A 63 -24.23 11.49 24.28
C GLU A 63 -25.13 10.58 23.44
N ASP A 64 -26.14 11.14 22.79
CA ASP A 64 -27.10 10.35 22.04
C ASP A 64 -26.64 10.08 20.61
N VAL A 65 -26.06 11.09 19.96
CA VAL A 65 -25.58 10.90 18.58
C VAL A 65 -24.45 9.88 18.54
N ILE A 66 -23.65 9.79 19.60
CA ILE A 66 -22.61 8.77 19.67
C ILE A 66 -23.20 7.39 19.46
N SER A 67 -24.38 7.14 20.04
CA SER A 67 -25.02 5.84 19.90
C SER A 67 -25.39 5.55 18.45
N LEU A 68 -25.78 6.58 17.69
CA LEU A 68 -26.13 6.36 16.30
C LEU A 68 -24.91 5.91 15.50
N TRP A 69 -23.72 6.37 15.84
CA TRP A 69 -22.53 5.99 15.10
C TRP A 69 -21.99 4.64 15.55
N ASP A 70 -22.13 4.31 16.83
CA ASP A 70 -21.67 3.00 17.30
C ASP A 70 -22.53 1.88 16.73
N GLN A 71 -23.83 2.12 16.59
CA GLN A 71 -24.75 1.08 16.13
C GLN A 71 -24.58 0.82 14.64
N SER A 72 -24.38 1.87 13.85
CA SER A 72 -24.46 1.77 12.40
C SER A 72 -23.16 2.07 11.67
N LEU A 73 -22.18 2.67 12.32
CA LEU A 73 -20.93 2.98 11.64
C LEU A 73 -19.75 2.29 12.31
N GLN A 74 -19.84 0.98 12.47
CA GLN A 74 -18.75 0.21 13.06
C GLN A 74 -17.56 0.21 12.10
N PRO A 75 -16.38 0.67 12.52
CA PRO A 75 -15.20 0.54 11.67
C PRO A 75 -14.61 -0.85 11.76
N CYS A 76 -13.86 -1.22 10.71
CA CYS A 76 -13.24 -2.55 10.68
C CYS A 76 -12.28 -2.72 11.85
N VAL A 77 -11.48 -1.71 12.15
CA VAL A 77 -10.48 -1.78 13.21
C VAL A 77 -10.53 -0.49 14.02
N LYS A 78 -10.67 -0.62 15.33
CA LYS A 78 -10.53 0.51 16.25
C LYS A 78 -9.17 0.42 16.93
N LEU A 79 -8.54 1.58 17.13
CA LEU A 79 -7.21 1.65 17.72
C LEU A 79 -7.23 2.65 18.88
N THR A 80 -7.91 2.27 19.96
CA THR A 80 -7.82 3.03 21.19
C THR A 80 -6.43 2.82 21.79
N GLY A 81 -6.16 3.49 22.90
CA GLY A 81 -4.91 3.30 23.61
C GLY A 81 -4.67 1.86 23.96
N GLY A 82 -3.61 1.27 23.43
CA GLY A 82 -3.26 -0.11 23.75
C GLY A 82 -3.96 -1.14 22.89
N SER A 83 -5.23 -1.39 23.17
CA SER A 83 -5.96 -2.42 22.45
C SER A 83 -6.21 -2.00 21.01
N VAL A 84 -6.10 -2.96 20.11
CA VAL A 84 -6.41 -2.74 18.69
C VAL A 84 -7.57 -3.64 18.29
N ILE A 85 -8.80 -3.17 18.54
CA ILE A 85 -9.99 -4.00 18.41
C ILE A 85 -10.39 -4.12 16.94
N LYS A 86 -11.00 -5.24 16.59
CA LYS A 86 -11.56 -5.47 15.26
C LYS A 86 -13.02 -5.88 15.37
N GLN A 87 -13.78 -5.60 14.31
CA GLN A 87 -15.17 -6.05 14.23
C GLN A 87 -15.62 -6.17 12.77
N ALA A 88 -16.78 -5.64 12.44
CA ALA A 88 -17.36 -5.82 11.10
C ALA A 88 -17.57 -4.47 10.41
N CYS A 89 -17.50 -4.51 9.08
CA CYS A 89 -17.67 -3.32 8.23
C CYS A 89 -18.72 -3.58 7.17
N PRO A 90 -20.00 -3.57 7.52
CA PRO A 90 -21.05 -3.60 6.49
C PRO A 90 -21.29 -2.19 5.96
N LYS A 91 -21.24 -2.04 4.64
CA LYS A 91 -21.57 -0.76 4.03
C LYS A 91 -23.04 -0.46 4.26
N ILE A 92 -23.36 0.83 4.46
CA ILE A 92 -24.68 1.22 4.93
C ILE A 92 -25.26 2.31 4.03
N SER A 93 -26.59 2.43 4.09
CA SER A 93 -27.30 3.58 3.54
C SER A 93 -27.33 4.67 4.62
N PHE A 94 -26.83 5.85 4.29
CA PHE A 94 -26.60 6.90 5.27
C PHE A 94 -27.14 8.22 4.74
N ASP A 95 -28.12 8.79 5.45
CA ASP A 95 -28.62 10.14 5.19
C ASP A 95 -29.34 10.65 6.44
N PRO A 96 -28.77 11.63 7.15
CA PRO A 96 -29.36 12.07 8.42
C PRO A 96 -30.81 12.49 8.26
N ILE A 97 -31.63 12.09 9.21
CA ILE A 97 -33.03 12.49 9.27
C ILE A 97 -33.22 13.34 10.51
N PRO A 98 -34.16 14.29 10.51
CA PRO A 98 -34.25 15.22 11.65
C PRO A 98 -34.68 14.52 12.93
N ILE A 99 -34.19 15.05 14.05
CA ILE A 99 -34.53 14.55 15.37
C ILE A 99 -35.07 15.72 16.19
N HIS A 100 -36.33 15.62 16.59
CA HIS A 100 -36.92 16.58 17.52
C HIS A 100 -36.67 16.13 18.95
N TYR A 101 -36.57 17.10 19.85
CA TYR A 101 -36.32 16.82 21.26
C TYR A 101 -37.50 17.31 22.09
N CYS A 102 -38.54 16.48 22.20
CA CYS A 102 -39.65 16.78 23.08
C CYS A 102 -39.23 16.63 24.55
N THR A 103 -39.96 17.31 25.42
CA THR A 103 -39.78 17.32 26.86
C THR A 103 -40.87 16.48 27.54
N PRO A 104 -40.61 15.95 28.73
CA PRO A 104 -41.62 15.16 29.43
C PRO A 104 -42.52 16.01 30.32
N ALA A 105 -43.57 15.36 30.83
CA ALA A 105 -44.58 16.07 31.61
C ALA A 105 -43.97 16.68 32.86
N GLY A 106 -44.38 17.91 33.17
CA GLY A 106 -43.80 18.69 34.24
C GLY A 106 -42.81 19.73 33.77
N TYR A 107 -42.23 19.53 32.59
CA TYR A 107 -41.28 20.46 32.00
C TYR A 107 -41.72 20.81 30.58
N VAL A 108 -41.51 22.05 30.18
CA VAL A 108 -41.76 22.47 28.81
C VAL A 108 -40.55 23.26 28.32
N ILE A 109 -40.43 23.33 27.00
CA ILE A 109 -39.29 23.98 26.36
C ILE A 109 -39.64 25.43 26.07
N LEU A 110 -38.84 26.34 26.59
CA LEU A 110 -38.92 27.74 26.22
C LEU A 110 -38.07 27.99 24.99
N LYS A 111 -38.61 28.72 24.03
CA LYS A 111 -38.01 28.88 22.72
C LYS A 111 -37.81 30.37 22.45
N CYS A 112 -36.57 30.80 22.31
CA CYS A 112 -36.25 32.20 22.04
C CYS A 112 -36.64 32.53 20.61
N ASN A 113 -37.68 33.36 20.45
CA ASN A 113 -38.13 33.79 19.13
C ASN A 113 -37.50 35.10 18.69
N ASP A 114 -36.51 35.61 19.41
CA ASP A 114 -35.79 36.80 18.95
C ASP A 114 -35.10 36.53 17.64
N LYS A 115 -34.90 37.60 16.87
CA LYS A 115 -34.25 37.49 15.57
C LYS A 115 -32.74 37.66 15.66
N ASN A 116 -32.27 38.53 16.55
CA ASN A 116 -30.85 38.87 16.64
C ASN A 116 -30.21 38.43 17.95
N PHE A 117 -30.89 37.60 18.73
CA PHE A 117 -30.30 37.11 19.98
C PHE A 117 -29.06 36.29 19.68
N ASN A 118 -27.99 36.57 20.42
CA ASN A 118 -26.68 36.01 20.09
C ASN A 118 -26.37 34.71 20.82
N GLY A 119 -27.10 34.38 21.87
CA GLY A 119 -26.90 33.08 22.50
C GLY A 119 -26.91 33.09 24.02
N THR A 120 -26.49 34.21 24.62
CA THR A 120 -26.41 34.31 26.08
C THR A 120 -27.04 35.64 26.49
N GLY A 121 -28.16 35.55 27.21
CA GLY A 121 -28.84 36.73 27.69
C GLY A 121 -30.35 36.58 27.69
N PRO A 122 -31.06 37.69 27.75
CA PRO A 122 -32.52 37.64 27.79
C PRO A 122 -33.13 37.56 26.40
N CYS A 123 -34.23 36.84 26.31
CA CYS A 123 -35.11 36.81 25.15
C CYS A 123 -36.43 37.45 25.53
N LYS A 124 -36.94 38.33 24.68
CA LYS A 124 -38.24 38.97 24.95
C LYS A 124 -39.38 38.09 24.45
N ASN A 125 -39.53 37.98 23.13
CA ASN A 125 -40.54 37.12 22.52
C ASN A 125 -40.20 35.67 22.85
N VAL A 126 -40.54 35.28 24.08
CA VAL A 126 -40.36 33.91 24.55
C VAL A 126 -41.68 33.18 24.41
N SER A 127 -41.67 32.06 23.69
CA SER A 127 -42.79 31.16 23.62
C SER A 127 -42.46 29.89 24.41
N SER A 128 -43.36 28.91 24.35
CA SER A 128 -43.12 27.62 24.97
C SER A 128 -43.72 26.53 24.09
N VAL A 129 -42.96 25.45 23.92
CA VAL A 129 -43.29 24.39 22.98
C VAL A 129 -43.04 23.05 23.64
N GLN A 130 -43.56 21.99 23.02
CA GLN A 130 -43.32 20.62 23.47
C GLN A 130 -42.09 20.05 22.78
N CYS A 131 -42.18 19.86 21.46
CA CYS A 131 -41.04 19.42 20.66
C CYS A 131 -40.28 20.63 20.14
N THR A 132 -39.31 20.39 19.27
CA THR A 132 -38.50 21.42 18.64
C THR A 132 -38.54 21.20 17.13
N HIS A 133 -37.93 22.14 16.39
CA HIS A 133 -37.78 21.93 14.96
C HIS A 133 -36.73 20.85 14.73
N GLY A 134 -36.85 20.18 13.58
CA GLY A 134 -36.00 19.03 13.32
C GLY A 134 -34.53 19.41 13.29
N ILE A 135 -33.69 18.51 13.81
CA ILE A 135 -32.25 18.71 13.88
C ILE A 135 -31.59 17.56 13.13
N LYS A 136 -30.91 17.86 12.03
CA LYS A 136 -30.19 16.85 11.28
C LYS A 136 -28.88 16.55 11.98
N PRO A 137 -28.60 15.30 12.36
CA PRO A 137 -27.38 14.96 13.10
C PRO A 137 -26.16 14.87 12.19
N VAL A 138 -25.75 16.02 11.66
CA VAL A 138 -24.67 16.11 10.69
C VAL A 138 -23.38 16.42 11.42
N VAL A 139 -22.44 15.48 11.41
CA VAL A 139 -21.14 15.66 12.02
C VAL A 139 -20.18 16.21 10.96
N SER A 140 -19.56 17.34 11.25
CA SER A 140 -18.68 17.98 10.29
C SER A 140 -17.78 18.98 11.02
N THR A 141 -16.80 19.48 10.28
CA THR A 141 -15.87 20.49 10.79
C THR A 141 -15.86 21.69 9.86
N GLN A 142 -15.35 22.81 10.39
CA GLN A 142 -15.23 24.07 9.67
C GLN A 142 -16.58 24.63 9.24
N LEU A 143 -17.32 23.89 8.44
CA LEU A 143 -18.60 24.33 7.89
C LEU A 143 -19.74 23.51 8.51
N LEU A 144 -20.82 24.19 8.85
CA LEU A 144 -22.00 23.56 9.43
C LEU A 144 -23.05 23.36 8.34
N LEU A 145 -23.49 22.11 8.17
CA LEU A 145 -24.27 21.71 7.00
C LEU A 145 -25.69 21.35 7.39
N ASN A 146 -26.58 21.47 6.40
CA ASN A 146 -27.98 21.04 6.47
C ASN A 146 -28.63 21.43 7.81
N GLY A 147 -28.44 22.68 8.19
CA GLY A 147 -29.05 23.22 9.39
C GLY A 147 -30.21 24.13 9.07
N SER A 148 -30.35 25.18 9.87
CA SER A 148 -31.35 26.21 9.63
C SER A 148 -30.68 27.57 9.65
N LEU A 149 -31.21 28.48 8.84
CA LEU A 149 -30.59 29.77 8.62
C LEU A 149 -31.04 30.79 9.65
N ALA A 150 -30.25 31.87 9.77
CA ALA A 150 -30.65 33.00 10.58
C ALA A 150 -31.79 33.75 9.90
N GLU A 151 -32.44 34.63 10.67
CA GLU A 151 -33.69 35.21 10.22
C GLU A 151 -33.63 36.70 9.93
N GLU A 152 -32.64 37.42 10.47
CA GLU A 152 -32.45 38.83 10.11
C GLU A 152 -31.03 39.08 9.63
N GLU A 153 -30.04 39.06 10.53
CA GLU A 153 -28.66 39.30 10.16
C GLU A 153 -27.82 38.08 10.50
N ILE A 154 -26.57 38.11 10.04
CA ILE A 154 -25.60 37.12 10.46
C ILE A 154 -25.27 37.35 11.93
N ILE A 155 -25.25 36.27 12.71
CA ILE A 155 -25.07 36.35 14.15
C ILE A 155 -23.78 35.65 14.54
N ILE A 156 -23.00 36.29 15.42
CA ILE A 156 -21.76 35.74 15.94
C ILE A 156 -22.03 35.15 17.32
N ARG A 157 -21.68 33.88 17.51
CA ARG A 157 -21.93 33.18 18.76
C ARG A 157 -20.60 32.65 19.29
N SER A 158 -20.20 33.11 20.48
CA SER A 158 -18.99 32.62 21.13
C SER A 158 -19.20 32.61 22.63
N GLU A 159 -18.77 31.51 23.27
CA GLU A 159 -18.90 31.41 24.73
C GLU A 159 -18.05 32.47 25.42
N ASN A 160 -16.86 32.74 24.90
CA ASN A 160 -15.96 33.73 25.48
C ASN A 160 -15.04 34.20 24.35
N LEU A 161 -15.34 35.40 23.83
CA LEU A 161 -14.57 35.92 22.70
C LEU A 161 -13.11 36.11 23.07
N THR A 162 -12.84 36.59 24.29
CA THR A 162 -11.47 36.83 24.71
C THR A 162 -10.69 35.52 24.77
N ASN A 163 -11.34 34.45 25.24
CA ASN A 163 -10.69 33.14 25.24
C ASN A 163 -10.54 32.67 23.80
N ASN A 164 -9.37 32.95 23.21
CA ASN A 164 -9.15 32.68 21.79
C ASN A 164 -9.35 31.20 21.46
N ALA A 165 -9.04 30.31 22.40
CA ALA A 165 -9.13 28.88 22.12
C ALA A 165 -10.58 28.43 21.93
N LYS A 166 -11.55 29.27 22.29
CA LYS A 166 -12.95 28.95 22.06
C LYS A 166 -13.33 29.12 20.60
N THR A 167 -14.14 28.20 20.10
CA THR A 167 -14.61 28.26 18.73
C THR A 167 -15.74 29.29 18.60
N ILE A 168 -15.69 30.06 17.51
CA ILE A 168 -16.72 31.06 17.21
C ILE A 168 -17.63 30.50 16.14
N ILE A 169 -18.94 30.61 16.36
CA ILE A 169 -19.96 30.10 15.43
C ILE A 169 -20.56 31.26 14.65
N VAL A 170 -20.60 31.12 13.33
CA VAL A 170 -21.17 32.13 12.44
C VAL A 170 -22.44 31.53 11.86
N HIS A 171 -23.58 32.16 12.15
CA HIS A 171 -24.88 31.71 11.66
C HIS A 171 -25.32 32.64 10.54
N LEU A 172 -25.45 32.09 9.33
CA LEU A 172 -25.68 32.88 8.13
C LEU A 172 -27.16 33.14 7.92
N ASN A 173 -27.46 34.24 7.21
CA ASN A 173 -28.84 34.58 6.88
C ASN A 173 -29.22 34.21 5.46
N LYS A 174 -28.29 33.70 4.66
CA LYS A 174 -28.61 33.08 3.38
C LYS A 174 -27.70 31.88 3.17
N SER A 175 -28.28 30.80 2.65
CA SER A 175 -27.56 29.56 2.46
C SER A 175 -26.63 29.64 1.25
N VAL A 176 -25.64 28.76 1.24
CA VAL A 176 -24.71 28.58 0.12
C VAL A 176 -24.53 27.09 -0.08
N GLU A 177 -25.14 26.54 -1.13
CA GLU A 177 -25.07 25.12 -1.36
C GLU A 177 -23.63 24.69 -1.67
N ILE A 178 -23.31 23.46 -1.30
CA ILE A 178 -22.03 22.84 -1.61
C ILE A 178 -22.31 21.44 -2.14
N ASN A 179 -21.83 21.15 -3.34
CA ASN A 179 -22.15 19.91 -4.05
C ASN A 179 -20.87 19.09 -4.18
N CYS A 180 -20.70 18.13 -3.28
CA CYS A 180 -19.53 17.26 -3.25
C CYS A 180 -19.85 15.95 -3.97
N THR A 181 -18.96 15.52 -4.86
CA THR A 181 -19.22 14.38 -5.72
C THR A 181 -17.95 13.56 -5.95
N ARG A 182 -18.06 12.25 -5.79
CA ARG A 182 -17.05 11.30 -6.22
C ARG A 182 -17.54 10.70 -7.53
N PRO A 183 -17.02 11.13 -8.69
CA PRO A 183 -17.58 10.67 -9.96
C PRO A 183 -17.31 9.19 -10.19
N SER A 184 -17.98 8.66 -11.22
CA SER A 184 -17.84 7.26 -11.60
C SER A 184 -16.53 7.01 -12.32
N ASN A 185 -16.58 6.23 -13.40
CA ASN A 185 -15.36 6.01 -14.19
C ASN A 185 -14.79 7.32 -14.70
N GLY A 186 -15.63 8.35 -14.83
CA GLY A 186 -15.16 9.67 -15.21
C GLY A 186 -14.36 10.33 -14.12
N GLY A 192 -7.64 7.06 -12.86
CA GLY A 192 -8.90 7.35 -12.21
C GLY A 192 -8.93 6.89 -10.76
N ASP A 193 -8.55 7.79 -9.85
CA ASP A 193 -8.50 7.47 -8.43
C ASP A 193 -9.92 7.40 -7.88
N ILE A 194 -10.35 6.21 -7.44
CA ILE A 194 -11.68 6.08 -6.86
C ILE A 194 -11.76 6.74 -5.50
N ARG A 195 -10.62 7.06 -4.90
CA ARG A 195 -10.53 7.76 -3.63
C ARG A 195 -10.57 9.27 -3.80
N LYS A 196 -10.62 9.75 -5.04
CA LYS A 196 -10.52 11.18 -5.34
C LYS A 196 -11.92 11.75 -5.62
N ALA A 197 -12.23 12.87 -4.97
CA ALA A 197 -13.52 13.53 -5.14
C ALA A 197 -13.32 15.04 -5.10
N TYR A 198 -14.40 15.78 -5.36
CA TYR A 198 -14.35 17.23 -5.40
C TYR A 198 -15.67 17.82 -4.91
N CYS A 199 -15.62 19.08 -4.46
CA CYS A 199 -16.78 19.84 -4.07
C CYS A 199 -16.85 21.13 -4.88
N GLU A 200 -18.06 21.49 -5.31
CA GLU A 200 -18.29 22.73 -6.03
C GLU A 200 -19.02 23.70 -5.12
N ILE A 201 -18.52 24.93 -5.03
CA ILE A 201 -19.17 26.01 -4.30
C ILE A 201 -19.25 27.22 -5.21
N ASN A 202 -20.42 27.87 -5.20
CA ASN A 202 -20.60 29.10 -5.99
C ASN A 202 -19.70 30.18 -5.42
N GLY A 203 -18.69 30.59 -6.20
CA GLY A 203 -17.78 31.63 -5.74
C GLY A 203 -18.47 32.97 -5.56
N THR A 204 -19.38 33.32 -6.48
CA THR A 204 -20.09 34.59 -6.38
C THR A 204 -20.95 34.64 -5.12
N LYS A 205 -21.74 33.60 -4.89
CA LYS A 205 -22.55 33.53 -3.68
C LYS A 205 -21.69 33.51 -2.42
N TRP A 206 -20.63 32.70 -2.43
CA TRP A 206 -19.82 32.49 -1.24
C TRP A 206 -19.08 33.76 -0.83
N ASN A 207 -18.36 34.37 -1.77
CA ASN A 207 -17.58 35.55 -1.43
C ASN A 207 -18.48 36.70 -0.98
N LYS A 208 -19.70 36.79 -1.53
CA LYS A 208 -20.65 37.76 -1.02
C LYS A 208 -20.99 37.49 0.43
N VAL A 209 -21.08 36.22 0.81
CA VAL A 209 -21.35 35.86 2.20
C VAL A 209 -20.13 36.15 3.07
N LEU A 210 -18.95 35.76 2.59
CA LEU A 210 -17.72 36.04 3.32
C LEU A 210 -17.56 37.54 3.54
N LYS A 211 -17.85 38.34 2.52
CA LYS A 211 -17.85 39.79 2.67
C LYS A 211 -18.81 40.23 3.76
N GLN A 212 -20.02 39.66 3.78
CA GLN A 212 -20.99 40.00 4.82
C GLN A 212 -20.48 39.56 6.19
N VAL A 213 -19.87 38.37 6.26
CA VAL A 213 -19.27 37.92 7.51
C VAL A 213 -18.10 38.81 7.88
N THR A 214 -17.26 39.16 6.90
CA THR A 214 -16.13 40.04 7.17
C THR A 214 -16.58 41.38 7.73
N GLU A 215 -17.69 41.91 7.21
CA GLU A 215 -18.22 43.16 7.73
C GLU A 215 -18.80 42.99 9.12
N LYS A 216 -19.35 41.82 9.42
CA LYS A 216 -20.00 41.60 10.72
C LYS A 216 -18.97 41.47 11.83
N LEU A 217 -17.88 40.72 11.59
CA LEU A 217 -16.87 40.52 12.62
C LEU A 217 -16.22 41.82 13.05
N LYS A 218 -16.33 42.88 12.24
CA LYS A 218 -15.83 44.19 12.64
C LYS A 218 -16.55 44.68 13.90
N GLU A 219 -17.87 44.51 13.94
CA GLU A 219 -18.66 45.07 15.03
C GLU A 219 -18.30 44.45 16.38
N HIS A 220 -17.78 43.23 16.38
CA HIS A 220 -17.43 42.57 17.64
C HIS A 220 -15.98 42.78 18.04
N PHE A 221 -15.13 43.23 17.13
CA PHE A 221 -13.72 43.46 17.47
C PHE A 221 -13.34 44.93 17.24
N ASN A 222 -14.20 45.83 17.70
CA ASN A 222 -13.91 47.27 17.77
C ASN A 222 -13.60 47.86 16.40
N ASN A 223 -14.31 47.37 15.38
CA ASN A 223 -14.30 47.98 14.04
C ASN A 223 -12.87 48.05 13.48
N LYS A 224 -12.12 46.96 13.61
CA LYS A 224 -10.74 46.92 13.13
C LYS A 224 -10.66 46.18 11.80
N THR A 225 -9.70 45.27 11.65
CA THR A 225 -9.44 44.61 10.38
C THR A 225 -9.74 43.12 10.50
N ILE A 226 -9.88 42.46 9.35
CA ILE A 226 -10.25 41.04 9.29
C ILE A 226 -9.35 40.33 8.28
N ILE A 227 -8.86 39.15 8.65
CA ILE A 227 -8.04 38.30 7.79
C ILE A 227 -8.44 36.84 8.01
N PHE A 228 -8.70 36.12 6.92
CA PHE A 228 -9.02 34.70 6.94
C PHE A 228 -7.85 33.92 6.33
N GLN A 229 -7.09 33.24 7.18
CA GLN A 229 -5.96 32.42 6.79
C GLN A 229 -6.28 30.93 6.97
N PRO A 230 -5.46 30.06 6.40
CA PRO A 230 -5.69 28.61 6.57
C PRO A 230 -5.15 28.12 7.90
N PRO A 231 -5.67 27.00 8.42
CA PRO A 231 -5.23 26.50 9.73
C PRO A 231 -3.73 26.18 9.73
N SER A 232 -3.14 26.23 10.92
CA SER A 232 -1.70 26.06 11.05
C SER A 232 -1.27 24.64 10.76
N GLY A 233 -1.99 23.67 11.32
CA GLY A 233 -1.64 22.28 11.08
C GLY A 233 -2.30 21.38 12.11
N GLY A 234 -1.83 20.13 12.13
CA GLY A 234 -2.37 19.15 13.05
C GLY A 234 -3.17 18.08 12.35
N ASP A 235 -4.26 17.63 12.99
CA ASP A 235 -5.10 16.60 12.40
C ASP A 235 -5.82 17.14 11.18
N LEU A 236 -5.95 16.28 10.16
CA LEU A 236 -6.63 16.68 8.93
C LEU A 236 -8.08 17.07 9.21
N GLU A 237 -8.72 16.38 10.16
CA GLU A 237 -10.14 16.59 10.42
C GLU A 237 -10.49 18.04 10.69
N ILE A 238 -9.56 18.81 11.25
CA ILE A 238 -9.84 20.21 11.57
C ILE A 238 -9.21 21.12 10.52
N THR A 239 -8.12 20.68 9.91
CA THR A 239 -7.50 21.48 8.85
C THR A 239 -8.23 21.38 7.53
N MET A 240 -9.16 20.44 7.40
CA MET A 240 -9.93 20.26 6.18
C MET A 240 -11.41 20.11 6.54
N HIS A 241 -12.27 20.36 5.55
CA HIS A 241 -13.70 20.15 5.75
C HIS A 241 -13.98 18.65 5.74
N SER A 242 -14.31 18.09 6.90
CA SER A 242 -14.58 16.67 7.04
C SER A 242 -16.06 16.44 7.28
N PHE A 243 -16.59 15.40 6.65
CA PHE A 243 -18.00 15.05 6.76
C PHE A 243 -18.20 13.67 6.17
N ASN A 244 -19.30 13.03 6.57
CA ASN A 244 -19.66 11.72 6.06
C ASN A 244 -20.71 11.87 4.96
N CYS A 245 -20.41 11.35 3.78
CA CYS A 245 -21.32 11.42 2.64
C CYS A 245 -21.66 9.98 2.25
N ARG A 246 -22.81 9.50 2.74
CA ARG A 246 -23.33 8.18 2.40
C ARG A 246 -22.32 7.09 2.75
N GLY A 247 -21.94 7.04 4.03
CA GLY A 247 -21.02 6.05 4.52
C GLY A 247 -19.57 6.26 4.14
N GLU A 248 -19.24 7.38 3.49
CA GLU A 248 -17.90 7.68 3.04
C GLU A 248 -17.39 8.94 3.73
N PHE A 249 -16.16 8.88 4.20
CA PHE A 249 -15.55 10.00 4.91
C PHE A 249 -14.85 10.90 3.91
N PHE A 250 -15.28 12.16 3.84
CA PHE A 250 -14.72 13.15 2.93
C PHE A 250 -13.87 14.13 3.71
N TYR A 251 -12.75 14.53 3.10
CA TYR A 251 -11.87 15.56 3.65
C TYR A 251 -11.56 16.52 2.52
N CYS A 252 -11.93 17.78 2.67
CA CYS A 252 -11.89 18.75 1.59
C CYS A 252 -11.06 19.96 1.99
N ASN A 253 -10.11 20.31 1.12
CA ASN A 253 -9.18 21.41 1.37
C ASN A 253 -9.85 22.74 1.10
N THR A 254 -10.02 23.54 2.14
CA THR A 254 -10.74 24.81 2.05
C THR A 254 -9.80 26.00 1.97
N THR A 255 -8.70 25.87 1.23
CA THR A 255 -7.82 27.02 1.00
C THR A 255 -8.51 28.06 0.13
N GLN A 256 -9.27 27.62 -0.87
CA GLN A 256 -9.92 28.55 -1.79
C GLN A 256 -11.14 29.21 -1.19
N LEU A 257 -11.71 28.67 -0.11
CA LEU A 257 -12.87 29.30 0.50
C LEU A 257 -12.48 30.48 1.38
N PHE A 258 -11.35 30.39 2.08
CA PHE A 258 -10.89 31.44 2.99
C PHE A 258 -9.68 32.13 2.37
N ASN A 259 -9.93 32.81 1.27
CA ASN A 259 -8.93 33.47 0.44
C ASN A 259 -9.20 34.97 0.56
N ASN A 260 -8.39 35.65 1.37
CA ASN A 260 -8.51 37.10 1.50
C ASN A 260 -8.45 37.81 0.15
N THR A 261 -7.89 37.15 -0.87
CA THR A 261 -7.81 37.75 -2.19
C THR A 261 -9.17 38.10 -2.75
N CYS A 262 -10.20 37.33 -2.41
CA CYS A 262 -11.51 37.49 -3.03
C CYS A 262 -12.59 37.95 -2.05
N ILE A 263 -12.30 39.00 -1.28
CA ILE A 263 -13.34 39.64 -0.47
C ILE A 263 -13.21 41.15 -0.61
N THR A 267 -11.56 42.48 -3.94
CA THR A 267 -12.48 43.33 -4.69
C THR A 267 -12.80 42.71 -6.05
N MET A 268 -13.10 43.54 -7.04
CA MET A 268 -13.35 43.05 -8.39
C MET A 268 -12.06 42.47 -8.97
N LYS A 269 -11.99 41.14 -9.06
CA LYS A 269 -10.84 40.46 -9.65
C LYS A 269 -11.32 39.19 -10.35
N GLY A 270 -10.63 38.07 -10.14
CA GLY A 270 -10.98 36.83 -10.80
C GLY A 270 -11.71 35.88 -9.87
N CYS A 271 -12.65 36.40 -9.08
CA CYS A 271 -13.48 35.57 -8.23
C CYS A 271 -14.55 34.88 -9.07
N ASN A 272 -15.83 35.15 -8.79
CA ASN A 272 -16.92 34.81 -9.69
C ASN A 272 -17.01 33.33 -10.04
N GLY A 273 -15.95 32.78 -10.59
CA GLY A 273 -15.97 31.41 -11.11
C GLY A 273 -16.21 30.38 -10.01
N THR A 274 -16.43 29.16 -10.48
CA THR A 274 -16.74 28.06 -9.57
C THR A 274 -15.50 27.64 -8.79
N ILE A 275 -15.69 27.34 -7.51
CA ILE A 275 -14.62 26.95 -6.61
C ILE A 275 -14.69 25.45 -6.44
N THR A 276 -13.75 24.72 -7.05
CA THR A 276 -13.70 23.27 -6.97
C THR A 276 -12.59 22.87 -5.99
N LEU A 277 -12.98 22.20 -4.91
CA LEU A 277 -12.05 21.81 -3.84
C LEU A 277 -11.55 20.39 -4.08
N PRO A 278 -10.24 20.15 -4.03
CA PRO A 278 -9.75 18.77 -4.11
C PRO A 278 -10.02 18.01 -2.82
N CYS A 279 -10.86 16.98 -2.90
CA CYS A 279 -11.20 16.16 -1.74
C CYS A 279 -10.65 14.75 -1.91
N LYS A 280 -10.60 14.04 -0.80
CA LYS A 280 -10.16 12.64 -0.78
C LYS A 280 -11.01 11.89 0.23
N ILE A 281 -11.08 10.57 0.04
CA ILE A 281 -11.87 9.70 0.90
C ILE A 281 -10.89 8.92 1.78
N LYS A 282 -10.85 9.24 3.06
CA LYS A 282 -9.96 8.56 3.98
C LYS A 282 -10.61 7.30 4.53
N GLN A 283 -9.82 6.23 4.64
CA GLN A 283 -10.21 5.06 5.40
C GLN A 283 -9.71 5.11 6.83
N ILE A 284 -8.50 5.61 7.04
CA ILE A 284 -7.92 5.76 8.37
C ILE A 284 -8.27 7.17 8.86
N ILE A 285 -9.29 7.26 9.71
CA ILE A 285 -9.75 8.55 10.21
C ILE A 285 -9.61 8.60 11.72
N ASN A 286 -9.49 9.81 12.24
CA ASN A 286 -9.52 10.03 13.68
C ASN A 286 -10.96 10.00 14.20
N MET A 287 -11.12 9.47 15.40
CA MET A 287 -12.45 9.30 15.98
C MET A 287 -12.88 10.59 16.68
N TRP A 288 -14.11 11.01 16.40
CA TRP A 288 -14.72 12.12 17.14
C TRP A 288 -15.47 11.65 18.37
N GLN A 289 -15.70 10.34 18.52
CA GLN A 289 -16.25 9.81 19.76
C GLN A 289 -15.32 10.11 20.93
N GLY A 290 -14.09 9.58 20.86
CA GLY A 290 -13.09 9.86 21.86
C GLY A 290 -11.70 9.83 21.26
N THR A 291 -10.69 9.65 22.10
CA THR A 291 -9.32 9.54 21.59
C THR A 291 -9.12 8.20 20.91
N GLY A 292 -8.59 8.23 19.70
CA GLY A 292 -8.30 7.03 18.95
C GLY A 292 -8.46 7.24 17.47
N GLN A 293 -8.13 6.20 16.72
CA GLN A 293 -8.24 6.18 15.27
C GLN A 293 -8.98 4.93 14.83
N ALA A 294 -9.61 5.01 13.67
CA ALA A 294 -10.39 3.90 13.13
C ALA A 294 -10.01 3.66 11.68
N MET A 295 -10.51 2.56 11.12
CA MET A 295 -10.25 2.21 9.73
C MET A 295 -11.51 1.58 9.14
N TYR A 296 -11.88 2.03 7.95
CA TYR A 296 -13.10 1.61 7.27
C TYR A 296 -12.73 0.87 5.98
N ALA A 297 -13.69 0.75 5.07
CA ALA A 297 -13.54 0.06 3.81
C ALA A 297 -13.43 1.03 2.65
N PRO A 298 -12.89 0.60 1.51
CA PRO A 298 -12.83 1.47 0.33
C PRO A 298 -14.22 1.68 -0.24
N PRO A 299 -14.41 2.75 -1.02
CA PRO A 299 -15.77 3.14 -1.44
C PRO A 299 -16.47 2.15 -2.36
N ILE A 300 -17.69 2.48 -2.76
CA ILE A 300 -18.53 1.60 -3.55
C ILE A 300 -18.49 2.07 -5.00
N ASP A 301 -19.07 1.26 -5.89
CA ASP A 301 -19.27 1.63 -7.29
C ASP A 301 -20.12 2.89 -7.42
N GLY A 302 -20.11 3.48 -8.61
CA GLY A 302 -21.11 4.48 -8.94
C GLY A 302 -20.87 5.85 -8.34
N LYS A 303 -21.90 6.69 -8.51
CA LYS A 303 -21.83 8.09 -8.13
C LYS A 303 -22.09 8.26 -6.65
N ILE A 304 -21.35 9.18 -6.03
CA ILE A 304 -21.54 9.56 -4.64
C ILE A 304 -21.78 11.07 -4.63
N ASN A 305 -22.97 11.48 -4.22
CA ASN A 305 -23.37 12.88 -4.31
C ASN A 305 -23.86 13.40 -2.97
N CYS A 306 -23.54 14.65 -2.67
CA CYS A 306 -23.98 15.30 -1.44
C CYS A 306 -24.13 16.79 -1.71
N VAL A 307 -25.37 17.24 -1.95
CA VAL A 307 -25.66 18.66 -2.14
C VAL A 307 -26.10 19.19 -0.78
N SER A 308 -25.14 19.66 0.00
CA SER A 308 -25.42 20.18 1.33
C SER A 308 -25.66 21.68 1.27
N ASN A 309 -25.89 22.28 2.44
CA ASN A 309 -26.14 23.71 2.56
C ASN A 309 -25.30 24.27 3.70
N ILE A 310 -24.31 25.09 3.37
CA ILE A 310 -23.49 25.72 4.38
C ILE A 310 -24.35 26.75 5.12
N THR A 311 -24.86 26.35 6.29
CA THR A 311 -25.64 27.26 7.12
C THR A 311 -24.81 27.86 8.26
N GLY A 312 -23.55 27.49 8.38
CA GLY A 312 -22.71 27.98 9.46
C GLY A 312 -21.25 27.80 9.16
N ILE A 313 -20.43 28.52 9.92
CA ILE A 313 -18.97 28.45 9.81
C ILE A 313 -18.39 28.42 11.22
N LEU A 314 -17.44 27.51 11.45
CA LEU A 314 -16.76 27.40 12.74
C LEU A 314 -15.37 27.98 12.61
N LEU A 315 -15.08 29.02 13.40
CA LEU A 315 -13.85 29.78 13.26
C LEU A 315 -13.11 29.89 14.59
N THR A 316 -11.79 29.88 14.52
CA THR A 316 -10.91 30.10 15.65
C THR A 316 -10.06 31.33 15.42
N ARG A 317 -9.56 31.91 16.51
CA ARG A 317 -8.76 33.12 16.46
C ARG A 317 -7.36 32.86 17.02
N ASP A 318 -6.38 33.58 16.47
CA ASP A 318 -5.01 33.45 16.95
C ASP A 318 -4.77 34.30 18.19
N GLY A 319 -5.22 35.55 18.17
CA GLY A 319 -5.19 36.44 19.33
C GLY A 319 -3.96 36.46 20.21
N THR A 324 -1.55 45.13 17.53
CA THR A 324 -2.56 46.17 17.64
C THR A 324 -3.81 45.86 16.84
N SER A 325 -3.74 46.09 15.53
CA SER A 325 -4.93 46.15 14.68
C SER A 325 -5.46 44.77 14.29
N ASN A 326 -4.80 44.14 13.32
CA ASN A 326 -5.39 43.02 12.59
C ASN A 326 -5.78 41.87 13.51
N GLU A 327 -6.83 41.14 13.10
CA GLU A 327 -7.35 40.00 13.83
C GLU A 327 -7.51 38.85 12.83
N THR A 328 -6.66 37.83 12.94
CA THR A 328 -6.64 36.73 11.99
C THR A 328 -7.52 35.58 12.46
N PHE A 329 -8.31 35.02 11.54
CA PHE A 329 -9.23 33.93 11.84
C PHE A 329 -8.85 32.69 11.03
N ARG A 330 -9.32 31.54 11.52
CA ARG A 330 -9.00 30.23 10.96
C ARG A 330 -10.25 29.35 11.00
N PRO A 331 -10.49 28.56 9.95
CA PRO A 331 -11.59 27.58 10.01
C PRO A 331 -11.27 26.51 11.05
N GLY A 332 -12.13 26.41 12.07
CA GLY A 332 -11.86 25.53 13.18
C GLY A 332 -12.83 24.39 13.36
N GLY A 333 -13.45 24.32 14.53
CA GLY A 333 -14.33 23.21 14.84
C GLY A 333 -13.62 22.15 15.64
N GLY A 334 -14.03 20.89 15.48
CA GLY A 334 -13.41 19.81 16.22
C GLY A 334 -14.29 19.33 17.36
N ASN A 335 -14.64 20.23 18.27
CA ASN A 335 -15.58 19.94 19.35
C ASN A 335 -16.98 19.78 18.74
N ILE A 336 -17.41 18.53 18.55
CA ILE A 336 -18.69 18.28 17.90
C ILE A 336 -19.86 18.78 18.74
N LYS A 337 -19.63 19.07 20.02
CA LYS A 337 -20.68 19.68 20.84
C LYS A 337 -21.14 21.00 20.24
N ASP A 338 -20.21 21.76 19.66
CA ASP A 338 -20.57 23.06 19.09
C ASP A 338 -21.39 22.91 17.81
N ASN A 339 -21.32 21.76 17.13
CA ASN A 339 -22.22 21.54 16.00
C ASN A 339 -23.66 21.57 16.46
N TRP A 340 -23.96 20.90 17.58
CA TRP A 340 -25.32 20.88 18.09
C TRP A 340 -25.71 22.21 18.69
N ARG A 341 -24.72 23.00 19.14
CA ARG A 341 -25.01 24.31 19.69
C ARG A 341 -25.43 25.31 18.62
N SER A 342 -25.21 25.00 17.34
CA SER A 342 -25.69 25.89 16.28
C SER A 342 -27.17 25.71 16.01
N GLU A 343 -27.79 24.66 16.56
CA GLU A 343 -29.20 24.38 16.33
C GLU A 343 -30.05 24.37 17.59
N LEU A 344 -29.45 24.17 18.77
CA LEU A 344 -30.18 24.15 20.03
C LEU A 344 -29.98 25.41 20.85
N TYR A 345 -29.45 26.47 20.23
CA TYR A 345 -29.24 27.73 20.95
C TYR A 345 -30.55 28.37 21.37
N LYS A 346 -31.62 28.17 20.59
CA LYS A 346 -32.90 28.83 20.84
C LYS A 346 -33.84 27.98 21.67
N TYR A 347 -33.32 27.08 22.50
CA TYR A 347 -34.15 26.20 23.31
C TYR A 347 -33.60 26.13 24.73
N LYS A 348 -34.46 25.67 25.64
CA LYS A 348 -34.20 25.67 27.07
C LYS A 348 -35.28 24.87 27.77
N VAL A 349 -34.91 24.21 28.86
CA VAL A 349 -35.80 23.32 29.59
C VAL A 349 -36.04 23.91 30.97
N VAL A 350 -37.32 24.08 31.34
CA VAL A 350 -37.69 24.56 32.66
C VAL A 350 -38.55 23.51 33.34
N GLN A 351 -39.50 23.96 34.18
CA GLN A 351 -40.34 23.03 34.91
C GLN A 351 -41.61 23.74 35.36
N ILE A 352 -42.74 23.05 35.20
CA ILE A 352 -44.02 23.60 35.64
C ILE A 352 -44.31 23.24 37.10
N GLU A 353 -43.84 22.08 37.55
CA GLU A 353 -44.03 21.67 38.94
C GLU A 353 -42.85 22.11 39.80
N GLU B 1 14.35 -11.62 16.00
CA GLU B 1 13.52 -11.92 14.83
C GLU B 1 12.92 -13.32 14.91
N ILE B 2 12.15 -13.69 13.89
CA ILE B 2 11.49 -14.99 13.83
C ILE B 2 12.04 -15.75 12.63
N VAL B 3 12.85 -16.78 12.90
CA VAL B 3 13.32 -17.64 11.83
C VAL B 3 12.18 -18.52 11.34
N MET B 4 12.06 -18.66 10.02
CA MET B 4 10.98 -19.41 9.40
C MET B 4 11.58 -20.55 8.58
N MET B 5 11.72 -21.72 9.20
CA MET B 5 12.30 -22.88 8.53
C MET B 5 11.21 -23.63 7.79
N GLN B 6 11.27 -23.63 6.46
CA GLN B 6 10.38 -24.44 5.64
C GLN B 6 10.96 -25.84 5.47
N SER B 7 10.12 -26.75 5.00
CA SER B 7 10.57 -28.13 4.80
C SER B 7 9.69 -28.81 3.76
N PRO B 8 10.29 -29.53 2.79
CA PRO B 8 11.74 -29.64 2.63
C PRO B 8 12.26 -28.63 1.61
N GLY B 9 13.54 -28.76 1.23
CA GLY B 9 14.10 -27.87 0.24
C GLY B 9 13.57 -28.14 -1.16
N THR B 10 13.28 -29.40 -1.46
CA THR B 10 12.77 -29.79 -2.76
C THR B 10 11.73 -30.88 -2.58
N LEU B 11 10.56 -30.69 -3.18
CA LEU B 11 9.43 -31.61 -3.07
C LEU B 11 9.21 -32.24 -4.43
N SER B 12 9.57 -33.52 -4.56
CA SER B 12 9.54 -34.22 -5.84
C SER B 12 8.20 -34.92 -6.02
N LEU B 13 7.39 -34.42 -6.94
CA LEU B 13 6.07 -34.98 -7.21
C LEU B 13 5.75 -34.87 -8.70
N SER B 14 4.77 -35.65 -9.13
CA SER B 14 4.29 -35.63 -10.50
C SER B 14 2.90 -34.99 -10.55
N PRO B 15 2.51 -34.42 -11.69
CA PRO B 15 1.24 -33.69 -11.76
C PRO B 15 0.06 -34.60 -11.47
N GLY B 16 -0.97 -34.02 -10.85
CA GLY B 16 -2.14 -34.73 -10.39
C GLY B 16 -2.08 -35.16 -8.94
N GLU B 17 -0.87 -35.39 -8.43
CA GLU B 17 -0.70 -35.80 -7.04
C GLU B 17 -0.80 -34.60 -6.10
N ARG B 18 -0.91 -34.90 -4.81
CA ARG B 18 -1.06 -33.88 -3.78
C ARG B 18 0.30 -33.43 -3.26
N ALA B 19 0.45 -32.12 -3.10
CA ALA B 19 1.65 -31.54 -2.53
C ALA B 19 1.31 -30.86 -1.21
N THR B 20 2.17 -31.06 -0.21
CA THR B 20 1.96 -30.48 1.12
C THR B 20 3.28 -29.88 1.61
N LEU B 21 3.33 -28.56 1.69
CA LEU B 21 4.49 -27.83 2.16
C LEU B 21 4.27 -27.36 3.59
N SER B 22 5.36 -27.23 4.34
CA SER B 22 5.28 -26.93 5.77
C SER B 22 6.20 -25.75 6.09
N CYS B 23 5.63 -24.71 6.68
CA CYS B 23 6.38 -23.55 7.16
C CYS B 23 6.24 -23.50 8.68
N ARG B 24 7.35 -23.76 9.37
CA ARG B 24 7.38 -23.73 10.82
C ARG B 24 8.08 -22.47 11.30
N ALA B 25 7.52 -21.84 12.32
CA ALA B 25 8.05 -20.61 12.87
C ALA B 25 8.83 -20.88 14.15
N SER B 26 9.97 -20.21 14.29
CA SER B 26 10.78 -20.38 15.50
C SER B 26 10.03 -19.92 16.75
N GLN B 27 9.30 -18.82 16.65
CA GLN B 27 8.42 -18.34 17.71
C GLN B 27 6.99 -18.31 17.20
N SER B 28 6.06 -18.04 18.11
CA SER B 28 4.65 -17.98 17.72
C SER B 28 4.36 -16.73 16.90
N VAL B 29 3.40 -16.85 16.00
CA VAL B 29 2.98 -15.75 15.15
C VAL B 29 1.51 -15.45 15.43
N SER B 30 1.14 -14.17 15.34
CA SER B 30 -0.27 -13.81 15.29
C SER B 30 -0.90 -14.55 14.11
N SER B 31 -1.53 -15.70 14.42
CA SER B 31 -2.00 -16.68 13.42
C SER B 31 -2.64 -16.03 12.21
N SER B 32 -3.28 -14.88 12.41
CA SER B 32 -3.94 -14.19 11.31
C SER B 32 -2.98 -13.57 10.30
N TYR B 33 -1.66 -13.62 10.54
CA TYR B 33 -0.67 -12.92 9.70
C TYR B 33 0.44 -13.87 9.27
N LEU B 34 0.17 -14.67 8.24
CA LEU B 34 1.22 -15.40 7.54
C LEU B 34 0.80 -15.54 6.08
N ALA B 35 1.73 -15.27 5.17
CA ALA B 35 1.45 -15.26 3.75
C ALA B 35 2.33 -16.26 3.01
N TRP B 36 1.80 -16.81 1.92
CA TRP B 36 2.52 -17.73 1.05
C TRP B 36 2.72 -17.10 -0.32
N TYR B 37 3.94 -17.22 -0.85
CA TYR B 37 4.28 -16.69 -2.16
C TYR B 37 4.74 -17.81 -3.09
N GLN B 38 4.70 -17.52 -4.38
CA GLN B 38 5.19 -18.45 -5.40
C GLN B 38 6.03 -17.67 -6.39
N GLN B 39 7.24 -18.18 -6.67
CA GLN B 39 8.12 -17.59 -7.68
C GLN B 39 8.48 -18.66 -8.70
N LYS B 40 7.99 -18.51 -9.93
CA LYS B 40 8.44 -19.33 -11.05
C LYS B 40 9.72 -18.72 -11.59
N PRO B 41 10.89 -19.39 -11.40
CA PRO B 41 12.17 -18.77 -11.77
C PRO B 41 12.19 -18.21 -13.18
N GLY B 42 11.95 -16.92 -13.30
CA GLY B 42 11.89 -16.24 -14.58
C GLY B 42 11.17 -14.91 -14.48
N GLN B 43 10.16 -14.86 -13.60
CA GLN B 43 9.44 -13.61 -13.37
C GLN B 43 9.41 -13.26 -11.89
N ALA B 44 8.54 -12.32 -11.52
CA ALA B 44 8.44 -11.85 -10.15
C ALA B 44 7.56 -12.78 -9.31
N PRO B 45 7.78 -12.82 -8.00
CA PRO B 45 6.89 -13.60 -7.13
C PRO B 45 5.52 -12.95 -7.05
N ARG B 46 4.56 -13.72 -6.52
CA ARG B 46 3.19 -13.24 -6.41
C ARG B 46 2.52 -13.94 -5.23
N LEU B 47 1.45 -13.32 -4.75
CA LEU B 47 0.73 -13.83 -3.58
C LEU B 47 -0.15 -15.02 -3.95
N LEU B 48 -0.16 -16.02 -3.08
CA LEU B 48 -1.09 -17.14 -3.14
C LEU B 48 -2.02 -17.20 -1.93
N ILE B 49 -1.49 -16.94 -0.74
CA ILE B 49 -2.23 -17.03 0.51
C ILE B 49 -1.84 -15.84 1.38
N TYR B 50 -2.81 -15.23 2.04
CA TYR B 50 -2.54 -14.30 3.13
C TYR B 50 -3.38 -14.70 4.34
N GLY B 51 -2.94 -14.26 5.51
CA GLY B 51 -3.62 -14.64 6.73
C GLY B 51 -3.64 -16.12 7.00
N ALA B 52 -2.61 -16.84 6.55
CA ALA B 52 -2.47 -18.29 6.74
C ALA B 52 -3.51 -19.11 6.01
N SER B 53 -4.70 -18.54 5.76
CA SER B 53 -5.80 -19.30 5.19
C SER B 53 -6.51 -18.61 4.04
N SER B 54 -6.34 -17.29 3.84
CA SER B 54 -7.10 -16.55 2.84
C SER B 54 -6.34 -16.56 1.52
N ARG B 55 -6.99 -17.06 0.46
CA ARG B 55 -6.37 -17.06 -0.86
C ARG B 55 -6.23 -15.65 -1.40
N ALA B 56 -5.24 -15.46 -2.27
CA ALA B 56 -5.05 -14.20 -2.94
C ALA B 56 -6.07 -14.05 -4.06
N THR B 57 -6.09 -12.86 -4.67
CA THR B 57 -7.06 -12.53 -5.68
C THR B 57 -6.82 -13.37 -6.94
N GLY B 58 -7.71 -14.31 -7.21
CA GLY B 58 -7.69 -15.04 -8.46
C GLY B 58 -6.94 -16.36 -8.47
N ILE B 59 -6.54 -16.87 -7.31
CA ILE B 59 -5.76 -18.10 -7.22
C ILE B 59 -6.71 -19.29 -7.35
N PRO B 60 -6.33 -20.34 -8.09
CA PRO B 60 -7.22 -21.50 -8.24
C PRO B 60 -7.58 -22.11 -6.91
N ASP B 61 -8.75 -22.78 -6.88
CA ASP B 61 -9.25 -23.38 -5.66
C ASP B 61 -8.41 -24.56 -5.20
N ARG B 62 -7.54 -25.09 -6.06
CA ARG B 62 -6.68 -26.19 -5.67
C ARG B 62 -5.65 -25.81 -4.63
N PHE B 63 -5.46 -24.51 -4.39
CA PHE B 63 -4.47 -24.02 -3.43
C PHE B 63 -5.14 -23.84 -2.07
N SER B 64 -4.88 -24.77 -1.15
CA SER B 64 -5.41 -24.72 0.20
C SER B 64 -4.31 -24.27 1.16
N GLY B 65 -4.63 -23.30 2.00
CA GLY B 65 -3.70 -22.83 3.00
C GLY B 65 -4.34 -22.83 4.38
N SER B 66 -3.58 -23.30 5.36
CA SER B 66 -4.10 -23.47 6.71
C SER B 66 -2.94 -23.44 7.70
N GLY B 67 -3.27 -23.64 8.97
CA GLY B 67 -2.29 -23.63 10.04
C GLY B 67 -2.58 -22.54 11.06
N SER B 68 -1.81 -22.59 12.14
CA SER B 68 -1.94 -21.61 13.21
C SER B 68 -0.68 -21.63 14.06
N GLY B 69 -0.55 -20.62 14.90
CA GLY B 69 0.54 -20.54 15.86
C GLY B 69 1.92 -20.55 15.23
N THR B 70 2.57 -21.72 15.26
CA THR B 70 3.89 -21.89 14.67
C THR B 70 3.92 -22.95 13.58
N ASP B 71 2.81 -23.65 13.35
CA ASP B 71 2.76 -24.77 12.42
C ASP B 71 1.82 -24.40 11.28
N PHE B 72 2.39 -24.13 10.11
CA PHE B 72 1.63 -23.71 8.94
C PHE B 72 1.88 -24.67 7.78
N THR B 73 0.98 -24.61 6.80
CA THR B 73 0.99 -25.59 5.72
C THR B 73 0.30 -25.04 4.50
N LEU B 74 0.92 -25.18 3.33
CA LEU B 74 0.32 -24.88 2.05
C LEU B 74 0.01 -26.20 1.35
N THR B 75 -1.27 -26.41 1.02
CA THR B 75 -1.73 -27.67 0.48
C THR B 75 -2.20 -27.48 -0.96
N ILE B 76 -1.85 -28.42 -1.82
CA ILE B 76 -2.25 -28.42 -3.22
C ILE B 76 -2.99 -29.72 -3.51
N SER B 77 -4.26 -29.60 -3.91
CA SER B 77 -5.09 -30.78 -4.12
C SER B 77 -4.56 -31.63 -5.27
N ARG B 78 -4.21 -30.98 -6.38
CA ARG B 78 -3.67 -31.68 -7.54
C ARG B 78 -2.73 -30.74 -8.28
N LEU B 79 -1.53 -31.21 -8.56
CA LEU B 79 -0.56 -30.37 -9.26
C LEU B 79 -0.91 -30.26 -10.74
N GLU B 80 -0.49 -29.16 -11.34
CA GLU B 80 -0.65 -28.88 -12.75
C GLU B 80 0.68 -28.41 -13.29
N PRO B 81 0.87 -28.38 -14.61
CA PRO B 81 2.16 -27.94 -15.16
C PRO B 81 2.50 -26.49 -14.86
N GLU B 82 1.53 -25.68 -14.42
CA GLU B 82 1.79 -24.30 -14.05
C GLU B 82 1.93 -24.11 -12.54
N ASP B 83 2.46 -25.12 -11.84
CA ASP B 83 2.64 -25.05 -10.39
C ASP B 83 3.98 -25.55 -9.90
N PHE B 84 4.82 -26.10 -10.77
CA PHE B 84 6.15 -26.58 -10.38
C PHE B 84 7.08 -25.37 -10.29
N ALA B 85 7.29 -24.87 -9.07
CA ALA B 85 8.08 -23.66 -8.88
C ALA B 85 8.60 -23.64 -7.45
N VAL B 86 9.16 -22.49 -7.05
CA VAL B 86 9.62 -22.28 -5.69
C VAL B 86 8.49 -21.64 -4.90
N TYR B 87 8.39 -22.00 -3.62
CA TYR B 87 7.37 -21.48 -2.74
C TYR B 87 8.00 -20.91 -1.47
N TYR B 88 7.47 -19.78 -1.01
CA TYR B 88 8.00 -19.08 0.15
C TYR B 88 6.88 -18.78 1.13
N CYS B 89 7.23 -18.72 2.41
CA CYS B 89 6.30 -18.27 3.45
C CYS B 89 6.89 -17.05 4.13
N GLN B 90 6.02 -16.23 4.71
CA GLN B 90 6.44 -14.97 5.30
C GLN B 90 5.58 -14.65 6.51
N GLN B 91 6.21 -14.52 7.66
CA GLN B 91 5.56 -13.88 8.80
C GLN B 91 5.69 -12.37 8.64
N TYR B 92 4.59 -11.67 8.85
CA TYR B 92 4.61 -10.22 8.78
C TYR B 92 3.84 -9.58 9.93
N GLY B 93 3.73 -10.30 11.06
CA GLY B 93 3.09 -9.76 12.23
C GLY B 93 3.98 -8.81 13.00
N SER B 94 5.07 -9.32 13.56
CA SER B 94 6.03 -8.51 14.29
C SER B 94 7.27 -8.32 13.43
N SER B 95 7.53 -7.08 13.03
CA SER B 95 8.70 -6.80 12.21
C SER B 95 9.97 -7.13 13.00
N PRO B 96 11.02 -7.61 12.34
CA PRO B 96 11.19 -7.74 10.88
C PRO B 96 10.38 -8.88 10.26
N GLU B 97 9.76 -8.58 9.12
CA GLU B 97 8.92 -9.53 8.39
C GLU B 97 9.82 -10.47 7.59
N THR B 98 10.27 -11.54 8.24
CA THR B 98 11.25 -12.41 7.63
C THR B 98 10.58 -13.40 6.66
N PHE B 99 11.39 -13.94 5.75
CA PHE B 99 10.97 -14.91 4.76
C PHE B 99 11.54 -16.28 5.10
N GLY B 100 11.05 -17.29 4.37
CA GLY B 100 11.59 -18.63 4.46
C GLY B 100 12.74 -18.84 3.51
N GLN B 101 13.28 -20.07 3.52
CA GLN B 101 14.41 -20.40 2.67
C GLN B 101 13.99 -20.83 1.27
N GLY B 102 12.80 -21.41 1.12
CA GLY B 102 12.33 -21.83 -0.19
C GLY B 102 11.99 -23.29 -0.29
N THR B 103 11.11 -23.64 -1.24
CA THR B 103 10.77 -25.04 -1.50
C THR B 103 10.48 -25.19 -2.99
N LYS B 104 11.25 -26.04 -3.65
CA LYS B 104 11.11 -26.28 -5.09
C LYS B 104 10.22 -27.50 -5.29
N VAL B 105 9.05 -27.30 -5.90
CA VAL B 105 8.19 -28.40 -6.30
C VAL B 105 8.73 -28.94 -7.62
N GLU B 106 9.41 -30.08 -7.56
CA GLU B 106 10.10 -30.67 -8.68
C GLU B 106 9.23 -31.73 -9.36
N ILE B 107 9.50 -31.96 -10.63
CA ILE B 107 8.86 -33.04 -11.36
C ILE B 107 9.60 -34.34 -11.07
N LYS B 108 8.88 -35.37 -10.62
CA LYS B 108 9.54 -36.58 -10.15
C LYS B 108 10.13 -37.39 -11.31
N ARG B 109 9.31 -37.66 -12.33
CA ARG B 109 9.75 -38.45 -13.50
C ARG B 109 10.30 -39.78 -12.96
N THR B 110 11.47 -40.22 -13.40
CA THR B 110 12.20 -41.33 -12.80
C THR B 110 13.67 -40.93 -12.74
N VAL B 111 14.51 -41.83 -12.23
CA VAL B 111 15.94 -41.57 -12.15
C VAL B 111 16.56 -41.75 -13.53
N ALA B 112 17.52 -40.88 -13.87
CA ALA B 112 18.21 -40.94 -15.14
C ALA B 112 19.69 -40.68 -14.90
N ALA B 113 20.50 -40.99 -15.93
CA ALA B 113 21.94 -40.88 -15.83
C ALA B 113 22.46 -39.70 -16.66
N PRO B 114 23.61 -39.13 -16.28
CA PRO B 114 24.13 -37.96 -17.00
C PRO B 114 24.77 -38.37 -18.33
N SER B 115 24.32 -37.76 -19.41
CA SER B 115 25.02 -37.82 -20.69
C SER B 115 26.19 -36.85 -20.62
N VAL B 116 27.40 -37.37 -20.48
CA VAL B 116 28.56 -36.56 -20.14
C VAL B 116 29.47 -36.45 -21.36
N PHE B 117 29.85 -35.22 -21.69
CA PHE B 117 30.83 -34.93 -22.73
C PHE B 117 31.80 -33.87 -22.22
N ILE B 118 33.02 -33.90 -22.74
CA ILE B 118 34.05 -32.94 -22.37
C ILE B 118 34.51 -32.22 -23.63
N PHE B 119 34.94 -30.96 -23.46
CA PHE B 119 35.36 -30.12 -24.57
C PHE B 119 36.74 -29.56 -24.29
N PRO B 120 37.70 -29.77 -25.19
CA PRO B 120 39.00 -29.11 -25.07
C PRO B 120 38.94 -27.68 -25.59
N PRO B 121 39.90 -26.83 -25.22
CA PRO B 121 39.83 -25.42 -25.62
C PRO B 121 39.84 -25.24 -27.13
N SER B 122 39.25 -24.13 -27.56
CA SER B 122 39.19 -23.80 -28.98
C SER B 122 40.56 -23.39 -29.49
N ASP B 123 40.87 -23.82 -30.73
CA ASP B 123 42.06 -23.31 -31.39
C ASP B 123 42.02 -21.80 -31.53
N GLU B 124 40.82 -21.23 -31.70
CA GLU B 124 40.68 -19.79 -31.77
C GLU B 124 40.95 -19.13 -30.42
N GLN B 125 40.76 -19.87 -29.33
CA GLN B 125 40.89 -19.29 -28.00
C GLN B 125 42.34 -19.24 -27.54
N LEU B 126 43.08 -20.34 -27.74
CA LEU B 126 44.45 -20.41 -27.25
C LEU B 126 45.35 -19.36 -27.89
N LYS B 127 44.99 -18.85 -29.07
CA LYS B 127 45.72 -17.73 -29.64
C LYS B 127 45.65 -16.51 -28.75
N SER B 128 44.62 -16.43 -27.91
CA SER B 128 44.45 -15.34 -26.96
C SER B 128 44.79 -15.82 -25.55
N GLY B 129 44.21 -15.17 -24.54
CA GLY B 129 44.80 -15.21 -23.21
C GLY B 129 44.75 -16.57 -22.54
N THR B 130 43.58 -17.22 -22.56
CA THR B 130 43.34 -18.32 -21.64
C THR B 130 42.87 -19.57 -22.38
N ALA B 131 42.97 -20.68 -21.67
CA ALA B 131 42.36 -21.95 -22.03
C ALA B 131 41.19 -22.22 -21.09
N SER B 132 40.15 -22.86 -21.61
CA SER B 132 38.94 -23.12 -20.84
C SER B 132 38.43 -24.52 -21.18
N VAL B 133 38.56 -25.44 -20.25
CA VAL B 133 38.05 -26.79 -20.41
C VAL B 133 36.62 -26.84 -19.91
N VAL B 134 35.75 -27.51 -20.65
CA VAL B 134 34.33 -27.54 -20.37
C VAL B 134 33.86 -28.99 -20.27
N CYS B 135 33.00 -29.27 -19.29
CA CYS B 135 32.48 -30.61 -19.07
C CYS B 135 30.95 -30.54 -19.03
N LEU B 136 30.31 -31.18 -19.99
CA LEU B 136 28.86 -31.09 -20.15
C LEU B 136 28.19 -32.32 -19.55
N LEU B 137 27.27 -32.09 -18.63
CA LEU B 137 26.38 -33.12 -18.10
C LEU B 137 24.99 -32.84 -18.65
N ASN B 138 24.40 -33.81 -19.33
CA ASN B 138 23.19 -33.57 -20.11
C ASN B 138 22.10 -34.57 -19.77
N ASN B 139 20.87 -34.07 -19.66
CA ASN B 139 19.67 -34.87 -19.47
C ASN B 139 19.83 -35.89 -18.34
N PHE B 140 19.78 -35.37 -17.12
CA PHE B 140 19.88 -36.22 -15.94
C PHE B 140 18.93 -35.72 -14.86
N TYR B 141 18.24 -36.65 -14.21
CA TYR B 141 17.49 -36.42 -13.00
C TYR B 141 18.04 -37.36 -11.93
N PRO B 142 18.12 -36.93 -10.66
CA PRO B 142 17.67 -35.68 -10.05
C PRO B 142 18.64 -34.51 -10.10
N ARG B 143 18.44 -33.58 -9.16
CA ARG B 143 19.11 -32.29 -9.23
C ARG B 143 20.56 -32.37 -8.78
N GLU B 144 20.82 -33.01 -7.64
CA GLU B 144 22.16 -33.01 -7.08
C GLU B 144 23.13 -33.80 -7.95
N ALA B 145 24.26 -33.17 -8.26
CA ALA B 145 25.36 -33.80 -8.99
C ALA B 145 26.62 -32.98 -8.72
N LYS B 146 27.75 -33.67 -8.54
CA LYS B 146 29.01 -33.04 -8.18
C LYS B 146 30.09 -33.33 -9.22
N VAL B 147 30.97 -32.36 -9.42
CA VAL B 147 32.06 -32.47 -10.39
C VAL B 147 33.34 -31.96 -9.72
N GLN B 148 34.42 -32.73 -9.88
CA GLN B 148 35.76 -32.31 -9.44
C GLN B 148 36.71 -32.47 -10.61
N TRP B 149 37.31 -31.37 -11.05
CA TRP B 149 38.26 -31.42 -12.14
C TRP B 149 39.58 -32.02 -11.68
N LYS B 150 40.28 -32.65 -12.62
CA LYS B 150 41.59 -33.24 -12.35
C LYS B 150 42.50 -33.07 -13.54
N VAL B 151 43.75 -32.70 -13.27
CA VAL B 151 44.79 -32.56 -14.28
C VAL B 151 46.03 -33.27 -13.78
N ASP B 152 46.46 -34.32 -14.49
CA ASP B 152 47.63 -35.11 -14.09
C ASP B 152 47.47 -35.65 -12.68
N ASN B 153 46.26 -36.14 -12.39
CA ASN B 153 45.89 -36.70 -11.09
C ASN B 153 46.01 -35.67 -9.95
N ALA B 154 45.94 -34.38 -10.28
CA ALA B 154 45.95 -33.33 -9.28
C ALA B 154 44.52 -32.88 -8.99
N LEU B 155 44.19 -32.73 -7.71
CA LEU B 155 42.83 -32.43 -7.28
C LEU B 155 42.66 -30.91 -7.30
N GLN B 156 42.24 -30.38 -8.46
CA GLN B 156 42.16 -28.94 -8.65
C GLN B 156 41.08 -28.33 -7.78
N SER B 157 41.42 -27.25 -7.09
CA SER B 157 40.52 -26.59 -6.15
C SER B 157 40.53 -25.09 -6.40
N GLY B 158 39.34 -24.53 -6.59
CA GLY B 158 39.21 -23.09 -6.76
C GLY B 158 39.47 -22.59 -8.17
N ASN B 159 39.14 -23.39 -9.18
CA ASN B 159 39.44 -23.01 -10.56
C ASN B 159 38.27 -23.26 -11.51
N SER B 160 37.04 -23.33 -11.02
CA SER B 160 35.91 -23.73 -11.86
C SER B 160 34.67 -22.95 -11.49
N GLN B 161 33.73 -22.89 -12.44
CA GLN B 161 32.43 -22.25 -12.28
C GLN B 161 31.36 -23.17 -12.85
N GLU B 162 30.23 -23.26 -12.16
CA GLU B 162 29.16 -24.20 -12.53
C GLU B 162 27.83 -23.46 -12.70
N SER B 163 26.94 -24.10 -13.45
CA SER B 163 25.59 -23.58 -13.65
C SER B 163 24.71 -24.70 -14.20
N VAL B 164 23.44 -24.66 -13.80
CA VAL B 164 22.47 -25.70 -14.17
C VAL B 164 21.28 -25.03 -14.84
N THR B 165 20.66 -25.76 -15.77
CA THR B 165 19.41 -25.31 -16.37
C THR B 165 18.25 -25.53 -15.42
N GLU B 166 17.21 -24.72 -15.58
CA GLU B 166 15.94 -25.03 -14.96
C GLU B 166 15.36 -26.28 -15.61
N GLN B 167 14.51 -26.97 -14.85
CA GLN B 167 13.92 -28.24 -15.27
C GLN B 167 13.41 -28.17 -16.70
N ASP B 168 13.89 -29.10 -17.54
CA ASP B 168 13.43 -29.17 -18.92
C ASP B 168 11.92 -29.36 -18.96
N SER B 169 11.25 -28.53 -19.77
CA SER B 169 9.79 -28.57 -19.81
C SER B 169 9.30 -29.91 -20.36
N LYS B 170 9.96 -30.42 -21.38
CA LYS B 170 9.46 -31.62 -22.06
C LYS B 170 9.92 -32.90 -21.36
N ASP B 171 11.21 -33.01 -21.05
CA ASP B 171 11.77 -34.25 -20.52
C ASP B 171 11.99 -34.23 -19.01
N SER B 172 11.89 -33.06 -18.37
CA SER B 172 11.98 -32.94 -16.92
C SER B 172 13.32 -33.44 -16.39
N THR B 173 14.40 -33.12 -17.09
CA THR B 173 15.75 -33.40 -16.65
C THR B 173 16.57 -32.12 -16.71
N TYR B 174 17.77 -32.17 -16.14
CA TYR B 174 18.63 -31.01 -16.00
C TYR B 174 19.84 -31.13 -16.91
N SER B 175 20.64 -30.06 -16.92
CA SER B 175 21.90 -30.02 -17.66
C SER B 175 22.87 -29.12 -16.92
N LEU B 176 24.10 -29.60 -16.74
CA LEU B 176 25.10 -28.91 -15.94
C LEU B 176 26.37 -28.73 -16.76
N SER B 177 27.13 -27.68 -16.43
CA SER B 177 28.37 -27.39 -17.15
C SER B 177 29.33 -26.70 -16.19
N SER B 178 30.41 -27.40 -15.84
CA SER B 178 31.52 -26.79 -15.13
C SER B 178 32.59 -26.36 -16.13
N THR B 179 33.37 -25.35 -15.76
CA THR B 179 34.35 -24.77 -16.67
C THR B 179 35.63 -24.45 -15.89
N LEU B 180 36.71 -25.11 -16.28
CA LEU B 180 38.03 -24.92 -15.67
C LEU B 180 38.74 -23.77 -16.35
N THR B 181 39.15 -22.77 -15.58
CA THR B 181 39.82 -21.60 -16.11
C THR B 181 41.32 -21.73 -15.93
N LEU B 182 42.05 -21.68 -17.05
CA LEU B 182 43.49 -21.87 -17.06
C LEU B 182 44.14 -20.85 -17.97
N SER B 183 45.25 -20.28 -17.52
CA SER B 183 46.11 -19.51 -18.40
C SER B 183 46.93 -20.47 -19.25
N LYS B 184 47.34 -20.01 -20.43
CA LYS B 184 47.94 -20.92 -21.40
C LYS B 184 49.30 -21.43 -20.95
N ALA B 185 50.02 -20.66 -20.13
CA ALA B 185 51.28 -21.15 -19.61
C ALA B 185 51.10 -22.26 -18.58
N ASP B 186 49.87 -22.49 -18.12
CA ASP B 186 49.56 -23.62 -17.27
C ASP B 186 48.84 -24.74 -18.01
N TYR B 187 48.46 -24.51 -19.27
CA TYR B 187 47.79 -25.51 -20.08
C TYR B 187 48.74 -26.27 -21.00
N GLU B 188 49.80 -25.62 -21.48
CA GLU B 188 50.74 -26.26 -22.38
C GLU B 188 51.78 -27.10 -21.65
N LYS B 189 51.96 -26.89 -20.35
CA LYS B 189 52.98 -27.59 -19.58
C LYS B 189 52.50 -28.91 -18.99
N HIS B 190 51.21 -29.22 -19.08
CA HIS B 190 50.66 -30.50 -18.68
C HIS B 190 50.13 -31.23 -19.91
N LYS B 191 49.26 -32.22 -19.70
CA LYS B 191 48.80 -33.02 -20.82
C LYS B 191 47.40 -33.62 -20.58
N VAL B 192 47.23 -34.37 -19.50
CA VAL B 192 45.99 -35.09 -19.26
C VAL B 192 44.96 -34.17 -18.63
N TYR B 193 43.73 -34.25 -19.13
CA TYR B 193 42.62 -33.41 -18.64
C TYR B 193 41.36 -34.27 -18.55
N ALA B 194 40.72 -34.27 -17.39
CA ALA B 194 39.55 -35.11 -17.18
C ALA B 194 38.65 -34.51 -16.11
N CYS B 195 37.35 -34.49 -16.38
CA CYS B 195 36.34 -34.12 -15.40
C CYS B 195 35.70 -35.40 -14.83
N GLU B 196 35.41 -35.39 -13.54
CA GLU B 196 34.90 -36.57 -12.85
C GLU B 196 33.50 -36.30 -12.34
N VAL B 197 32.53 -37.08 -12.81
CA VAL B 197 31.14 -36.97 -12.41
C VAL B 197 30.84 -38.05 -11.39
N THR B 198 30.10 -37.69 -10.34
CA THR B 198 29.66 -38.63 -9.31
C THR B 198 28.16 -38.42 -9.09
N HIS B 199 27.35 -39.38 -9.55
CA HIS B 199 25.91 -39.26 -9.52
C HIS B 199 25.29 -40.57 -9.04
N GLN B 200 24.06 -40.48 -8.53
CA GLN B 200 23.39 -41.69 -8.06
C GLN B 200 22.84 -42.52 -9.20
N GLY B 201 22.50 -41.90 -10.33
CA GLY B 201 22.13 -42.67 -11.51
C GLY B 201 23.27 -43.45 -12.11
N LEU B 202 24.49 -43.19 -11.67
CA LEU B 202 25.67 -43.92 -12.11
C LEU B 202 26.03 -44.97 -11.05
N SER B 203 26.33 -46.19 -11.50
CA SER B 203 26.74 -47.23 -10.57
C SER B 203 28.11 -46.95 -9.96
N SER B 204 28.88 -46.06 -10.57
CA SER B 204 30.22 -45.73 -10.10
C SER B 204 30.65 -44.44 -10.78
N PRO B 205 31.71 -43.79 -10.29
CA PRO B 205 32.15 -42.53 -10.93
C PRO B 205 32.45 -42.71 -12.41
N VAL B 206 32.21 -41.64 -13.17
CA VAL B 206 32.34 -41.63 -14.62
C VAL B 206 33.32 -40.54 -15.01
N THR B 207 34.11 -40.80 -16.05
CA THR B 207 35.15 -39.87 -16.47
C THR B 207 35.23 -39.81 -18.00
N LYS B 208 35.30 -38.59 -18.54
CA LYS B 208 35.69 -38.33 -19.91
C LYS B 208 36.98 -37.52 -19.90
N SER B 209 37.83 -37.71 -20.90
CA SER B 209 39.14 -37.09 -20.85
C SER B 209 39.66 -36.81 -22.26
N PHE B 210 40.82 -36.16 -22.32
CA PHE B 210 41.54 -35.94 -23.57
C PHE B 210 42.99 -35.59 -23.23
N ASN B 211 43.85 -35.74 -24.22
CA ASN B 211 45.24 -35.28 -24.13
C ASN B 211 45.44 -34.08 -25.04
N ARG B 212 46.29 -33.15 -24.60
CA ARG B 212 46.47 -31.88 -25.30
C ARG B 212 46.92 -32.11 -26.74
N GLY B 213 46.14 -31.61 -27.68
CA GLY B 213 46.43 -31.76 -29.10
C GLY B 213 45.64 -32.88 -29.75
N VAL C 2 -4.37 -2.39 -12.25
CA VAL C 2 -3.36 -1.51 -11.69
C VAL C 2 -2.07 -2.28 -11.40
N GLN C 3 -0.95 -1.76 -11.91
CA GLN C 3 0.34 -2.38 -11.70
C GLN C 3 1.37 -1.30 -11.35
N LEU C 4 2.44 -1.72 -10.70
CA LEU C 4 3.45 -0.81 -10.19
C LEU C 4 4.63 -0.75 -11.16
N VAL C 5 5.11 0.47 -11.41
CA VAL C 5 6.14 0.74 -12.41
C VAL C 5 7.46 0.97 -11.69
N GLN C 6 8.46 0.16 -12.03
CA GLN C 6 9.77 0.21 -11.40
C GLN C 6 10.70 1.18 -12.13
N SER C 7 11.82 1.47 -11.49
CA SER C 7 12.92 2.15 -12.15
C SER C 7 13.65 1.18 -13.06
N GLY C 8 14.52 1.73 -13.91
CA GLY C 8 15.25 0.90 -14.83
C GLY C 8 16.43 0.19 -14.20
N ALA C 9 16.95 -0.80 -14.92
CA ALA C 9 18.12 -1.54 -14.45
C ALA C 9 19.33 -0.63 -14.47
N GLU C 10 19.98 -0.48 -13.31
CA GLU C 10 21.07 0.49 -13.14
C GLU C 10 22.35 -0.23 -12.75
N VAL C 11 23.46 0.19 -13.36
CA VAL C 11 24.79 -0.31 -13.05
C VAL C 11 25.50 0.75 -12.22
N LYS C 12 25.78 0.42 -10.96
CA LYS C 12 26.38 1.35 -10.03
C LYS C 12 27.79 0.91 -9.68
N LYS C 13 28.52 1.78 -8.99
CA LYS C 13 29.89 1.51 -8.62
C LYS C 13 30.02 1.41 -7.09
N PRO C 14 30.98 0.62 -6.62
CA PRO C 14 31.14 0.45 -5.16
C PRO C 14 31.35 1.78 -4.47
N GLY C 15 30.53 2.04 -3.45
CA GLY C 15 30.60 3.29 -2.72
C GLY C 15 29.62 4.35 -3.19
N SER C 16 28.71 4.01 -4.10
CA SER C 16 27.73 4.94 -4.61
C SER C 16 26.40 4.75 -3.88
N SER C 17 25.31 5.28 -4.47
CA SER C 17 24.01 5.22 -3.82
C SER C 17 22.93 5.24 -4.89
N VAL C 18 22.07 4.23 -4.88
CA VAL C 18 21.01 4.09 -5.88
C VAL C 18 19.67 4.36 -5.20
N LYS C 19 18.73 4.87 -5.99
CA LYS C 19 17.38 5.18 -5.53
C LYS C 19 16.38 4.63 -6.53
N VAL C 20 15.68 3.57 -6.16
CA VAL C 20 14.71 2.90 -7.03
C VAL C 20 13.34 3.55 -6.85
N SER C 21 12.61 3.65 -7.95
CA SER C 21 11.27 4.21 -7.96
C SER C 21 10.21 3.12 -8.01
N CYS C 22 9.02 3.45 -7.53
CA CYS C 22 7.88 2.55 -7.64
C CYS C 22 6.62 3.41 -7.76
N ARG C 23 6.21 3.64 -9.00
CA ARG C 23 5.04 4.46 -9.30
C ARG C 23 3.82 3.56 -9.51
N ALA C 24 2.71 3.96 -8.91
CA ALA C 24 1.45 3.27 -9.10
C ALA C 24 0.64 3.97 -10.17
N SER C 25 0.00 3.18 -11.05
CA SER C 25 -0.79 3.75 -12.13
C SER C 25 -1.96 4.56 -11.58
N ARG C 26 -2.89 3.89 -10.91
CA ARG C 26 -4.03 4.54 -10.27
C ARG C 26 -3.78 4.68 -8.78
N GLY C 27 -4.70 5.37 -8.11
CA GLY C 27 -4.81 5.47 -6.66
C GLY C 27 -3.54 5.91 -5.93
N THR C 28 -3.52 5.58 -4.64
CA THR C 28 -2.44 5.98 -3.76
C THR C 28 -1.93 4.79 -2.95
N PHE C 29 -1.04 5.06 -1.99
CA PHE C 29 -0.61 4.07 -1.02
C PHE C 29 -1.12 4.41 0.38
N SER C 30 -2.30 5.05 0.45
CA SER C 30 -2.67 5.76 1.67
C SER C 30 -2.99 4.82 2.81
N SER C 31 -3.70 3.72 2.55
CA SER C 31 -4.29 2.95 3.63
C SER C 31 -3.39 1.81 4.09
N TYR C 32 -2.88 1.01 3.16
CA TYR C 32 -2.06 -0.15 3.52
C TYR C 32 -0.59 0.04 3.22
N GLY C 33 -0.23 0.92 2.30
CA GLY C 33 1.17 1.29 2.13
C GLY C 33 1.93 0.44 1.15
N ILE C 34 3.24 0.33 1.39
CA ILE C 34 4.17 -0.32 0.48
C ILE C 34 5.14 -1.17 1.29
N THR C 35 5.84 -2.07 0.60
CA THR C 35 6.85 -2.91 1.22
C THR C 35 7.90 -3.25 0.17
N TRP C 36 9.17 -3.15 0.56
CA TRP C 36 10.29 -3.35 -0.36
C TRP C 36 10.97 -4.67 -0.07
N VAL C 37 11.27 -5.43 -1.12
CA VAL C 37 11.82 -6.78 -1.04
C VAL C 37 12.89 -6.91 -2.12
N ARG C 38 13.91 -7.73 -1.86
CA ARG C 38 14.99 -7.96 -2.81
C ARG C 38 15.28 -9.46 -2.91
N GLN C 39 16.03 -9.82 -3.96
CA GLN C 39 16.41 -11.21 -4.19
C GLN C 39 17.77 -11.23 -4.87
N ALA C 40 18.78 -11.71 -4.15
CA ALA C 40 20.12 -11.79 -4.70
C ALA C 40 20.20 -12.91 -5.74
N PRO C 41 21.17 -12.85 -6.66
CA PRO C 41 21.29 -13.91 -7.67
C PRO C 41 21.44 -15.28 -7.04
N GLY C 42 20.51 -16.18 -7.40
CA GLY C 42 20.52 -17.53 -6.87
C GLY C 42 20.33 -17.59 -5.37
N GLN C 43 19.39 -16.80 -4.87
CA GLN C 43 19.11 -16.73 -3.44
C GLN C 43 17.60 -16.67 -3.24
N GLY C 44 17.19 -16.45 -1.99
CA GLY C 44 15.80 -16.27 -1.65
C GLY C 44 15.43 -14.80 -1.53
N LEU C 45 14.23 -14.57 -1.01
CA LEU C 45 13.74 -13.21 -0.81
C LEU C 45 14.28 -12.64 0.50
N GLU C 46 14.41 -11.32 0.54
CA GLU C 46 15.04 -10.63 1.66
C GLU C 46 14.28 -9.35 1.94
N TRP C 47 13.56 -9.33 3.06
CA TRP C 47 12.75 -8.16 3.42
C TRP C 47 13.65 -6.96 3.68
N MET C 48 13.35 -5.85 2.99
CA MET C 48 14.10 -4.60 3.17
C MET C 48 13.40 -3.70 4.18
N GLY C 49 12.29 -3.10 3.77
CA GLY C 49 11.50 -2.27 4.64
C GLY C 49 10.09 -2.11 4.12
N GLY C 50 9.34 -1.22 4.77
CA GLY C 50 7.98 -0.97 4.36
C GLY C 50 7.27 0.07 5.20
N ILE C 51 6.32 0.75 4.59
CA ILE C 51 5.50 1.74 5.29
C ILE C 51 4.24 1.06 5.79
N ILE C 52 3.90 1.33 7.05
CA ILE C 52 2.65 0.87 7.66
C ILE C 52 1.84 2.09 8.07
N PRO C 53 0.89 2.53 7.27
CA PRO C 53 0.27 3.85 7.46
C PRO C 53 -0.79 3.90 8.54
N ILE C 54 -1.14 2.78 9.16
CA ILE C 54 -2.10 2.84 10.25
C ILE C 54 -1.41 3.28 11.53
N PHE C 55 -0.18 2.82 11.75
CA PHE C 55 0.62 3.21 12.89
C PHE C 55 1.49 4.41 12.60
N ASP C 56 1.52 4.88 11.34
CA ASP C 56 2.39 5.98 10.91
C ASP C 56 3.84 5.70 11.30
N VAL C 57 4.34 4.55 10.85
CA VAL C 57 5.70 4.12 11.12
C VAL C 57 6.33 3.61 9.85
N THR C 58 7.66 3.64 9.83
CA THR C 58 8.46 3.07 8.75
C THR C 58 9.64 2.36 9.38
N ASN C 59 9.83 1.09 9.01
CA ASN C 59 10.82 0.25 9.67
C ASN C 59 11.62 -0.54 8.65
N TYR C 60 12.82 -0.95 9.06
CA TYR C 60 13.74 -1.73 8.24
C TYR C 60 14.30 -2.88 9.07
N ALA C 61 15.22 -3.63 8.49
CA ALA C 61 15.89 -4.72 9.18
C ALA C 61 17.29 -4.28 9.62
N GLN C 62 17.91 -5.09 10.47
CA GLN C 62 19.22 -4.74 11.00
C GLN C 62 20.33 -4.87 9.97
N ASN C 63 20.12 -5.68 8.93
CA ASN C 63 21.13 -5.77 7.87
C ASN C 63 21.17 -4.51 7.02
N PHE C 64 20.05 -3.80 6.93
CA PHE C 64 19.93 -2.65 6.04
C PHE C 64 19.69 -1.34 6.77
N GLN C 65 19.52 -1.35 8.09
CA GLN C 65 19.23 -0.12 8.82
C GLN C 65 20.47 0.77 8.86
N GLY C 66 20.23 2.09 8.96
CA GLY C 66 21.30 3.06 8.96
C GLY C 66 21.72 3.54 7.59
N ARG C 67 21.41 2.79 6.53
CA ARG C 67 21.80 3.17 5.17
C ARG C 67 20.70 2.90 4.16
N VAL C 68 19.48 2.59 4.60
CA VAL C 68 18.34 2.38 3.72
C VAL C 68 17.20 3.26 4.20
N ALA C 69 16.58 3.99 3.28
CA ALA C 69 15.47 4.89 3.61
C ALA C 69 14.39 4.76 2.56
N ILE C 70 13.17 4.46 2.99
CA ILE C 70 12.00 4.41 2.11
C ILE C 70 11.25 5.72 2.23
N THR C 71 10.93 6.32 1.09
CA THR C 71 10.17 7.56 1.02
C THR C 71 8.99 7.37 0.10
N THR C 72 8.14 8.40 0.02
CA THR C 72 7.01 8.42 -0.90
C THR C 72 6.93 9.81 -1.52
N ASP C 73 5.82 10.07 -2.21
CA ASP C 73 5.51 11.39 -2.71
C ASP C 73 4.84 12.21 -1.62
N ALA C 74 4.03 13.19 -2.00
CA ALA C 74 3.18 13.86 -1.04
C ALA C 74 1.84 13.13 -0.87
N GLU C 75 1.27 12.65 -1.97
CA GLU C 75 0.01 11.93 -1.95
C GLU C 75 0.22 10.42 -1.98
N MET C 76 1.45 9.95 -1.84
CA MET C 76 1.76 8.52 -1.78
C MET C 76 1.33 7.79 -3.05
N SER C 77 1.62 8.38 -4.21
CA SER C 77 1.42 7.72 -5.48
C SER C 77 2.69 7.09 -6.02
N THR C 78 3.85 7.56 -5.58
CA THR C 78 5.14 7.00 -5.96
C THR C 78 6.00 6.91 -4.72
N ALA C 79 6.62 5.74 -4.51
CA ALA C 79 7.51 5.53 -3.38
C ALA C 79 8.91 5.20 -3.87
N TYR C 80 9.90 5.49 -3.04
CA TYR C 80 11.30 5.36 -3.41
C TYR C 80 12.04 4.52 -2.37
N MET C 81 13.27 4.16 -2.72
CA MET C 81 14.16 3.43 -1.81
C MET C 81 15.59 3.84 -2.10
N GLU C 82 16.23 4.55 -1.17
CA GLU C 82 17.63 4.98 -1.39
C GLU C 82 18.54 4.03 -0.63
N LEU C 83 19.58 3.51 -1.30
CA LEU C 83 20.52 2.58 -0.62
C LEU C 83 21.90 3.22 -0.65
N ARG C 84 22.28 3.95 0.40
CA ARG C 84 23.59 4.63 0.51
C ARG C 84 24.65 3.57 0.75
N SER C 85 25.85 3.74 0.19
CA SER C 85 27.01 2.82 0.28
C SER C 85 26.69 1.48 -0.37
N LEU C 86 26.89 1.38 -1.68
CA LEU C 86 26.59 0.10 -2.36
C LEU C 86 27.76 -0.86 -2.16
N LYS C 87 27.51 -2.14 -2.41
CA LYS C 87 28.54 -3.19 -2.28
C LYS C 87 28.13 -4.36 -3.17
N SER C 88 29.09 -5.19 -3.55
CA SER C 88 28.76 -6.34 -4.38
C SER C 88 27.72 -7.23 -3.70
N GLU C 89 27.64 -7.19 -2.37
CA GLU C 89 26.61 -7.94 -1.66
C GLU C 89 25.21 -7.39 -1.90
N ASP C 90 25.10 -6.16 -2.40
CA ASP C 90 23.82 -5.56 -2.71
C ASP C 90 23.44 -5.72 -4.18
N SER C 91 24.27 -6.38 -4.98
CA SER C 91 23.90 -6.72 -6.35
C SER C 91 22.76 -7.72 -6.31
N ALA C 92 21.56 -7.28 -6.70
CA ALA C 92 20.36 -8.11 -6.61
C ALA C 92 19.26 -7.51 -7.47
N VAL C 93 18.07 -8.07 -7.38
CA VAL C 93 16.86 -7.55 -8.01
C VAL C 93 15.95 -7.01 -6.91
N TYR C 94 15.55 -5.75 -7.05
CA TYR C 94 14.77 -5.07 -6.02
C TYR C 94 13.32 -4.99 -6.45
N TYR C 95 12.42 -5.45 -5.58
CA TYR C 95 10.99 -5.56 -5.89
C TYR C 95 10.19 -4.55 -5.10
N CYS C 96 8.89 -4.51 -5.40
CA CYS C 96 8.00 -3.51 -4.84
C CYS C 96 6.61 -4.12 -4.72
N ALA C 97 6.03 -4.06 -3.52
CA ALA C 97 4.75 -4.71 -3.27
C ALA C 97 3.85 -3.80 -2.45
N SER C 98 2.60 -3.67 -2.91
CA SER C 98 1.56 -2.92 -2.21
C SER C 98 0.27 -3.74 -2.25
N ASP C 99 -0.77 -3.20 -1.62
CA ASP C 99 -2.01 -3.94 -1.45
C ASP C 99 -2.96 -3.67 -2.61
N SER C 100 -3.73 -4.70 -2.96
CA SER C 100 -4.76 -4.58 -3.99
C SER C 100 -6.10 -4.13 -3.43
N ARG C 101 -6.29 -4.18 -2.11
CA ARG C 101 -7.53 -3.69 -1.52
C ARG C 101 -7.64 -2.17 -1.63
N ASP C 102 -6.48 -1.60 -1.92
CA ASP C 102 -6.40 -0.14 -2.20
C ASP C 102 -7.02 0.07 -3.57
N PHE C 103 -7.80 1.11 -3.73
CA PHE C 103 -8.59 1.34 -4.95
C PHE C 103 -9.49 0.13 -5.23
N SER C 104 -9.27 -0.49 -6.40
CA SER C 104 -10.16 -1.62 -6.81
C SER C 104 -11.59 -1.11 -6.64
N GLU C 107 -15.11 -5.14 -2.11
CA GLU C 107 -15.46 -6.53 -2.37
C GLU C 107 -16.42 -7.02 -1.29
N PRO C 108 -17.46 -7.77 -1.70
CA PRO C 108 -18.54 -8.10 -0.75
C PRO C 108 -18.11 -8.70 0.59
N GLY C 109 -17.18 -9.66 0.66
CA GLY C 109 -16.42 -10.25 -0.43
C GLY C 109 -15.06 -10.68 0.11
N THR C 110 -14.21 -9.68 0.41
CA THR C 110 -12.95 -9.89 1.08
C THR C 110 -12.94 -9.16 2.41
N SER C 111 -11.91 -9.45 3.21
CA SER C 111 -11.82 -8.89 4.55
C SER C 111 -11.04 -7.59 4.51
N TYR C 112 -11.61 -6.55 5.12
CA TYR C 112 -10.97 -5.25 5.21
C TYR C 112 -10.51 -4.93 6.63
N SER C 113 -10.74 -5.84 7.59
CA SER C 113 -10.18 -5.74 8.92
C SER C 113 -8.81 -6.41 9.03
N HIS C 114 -8.08 -6.49 7.92
CA HIS C 114 -6.72 -7.02 7.86
C HIS C 114 -5.81 -5.85 7.48
N TYR C 115 -5.50 -5.01 8.46
CA TYR C 115 -4.92 -3.70 8.19
C TYR C 115 -3.50 -3.78 7.64
N TYR C 116 -2.76 -4.84 7.94
CA TYR C 116 -1.41 -4.97 7.39
C TYR C 116 -1.45 -5.13 5.88
N ASN C 117 -0.45 -4.56 5.21
CA ASN C 117 -0.30 -4.70 3.77
C ASN C 117 -0.15 -6.18 3.40
N ILE C 118 -0.99 -6.65 2.48
CA ILE C 118 -0.97 -8.07 2.12
C ILE C 118 -0.02 -8.37 0.97
N MET C 119 0.40 -7.36 0.20
CA MET C 119 1.47 -7.51 -0.79
C MET C 119 1.08 -8.49 -1.89
N ASP C 120 0.04 -8.13 -2.66
CA ASP C 120 -0.38 -8.95 -3.78
C ASP C 120 -0.15 -8.29 -5.13
N VAL C 121 0.00 -6.98 -5.18
CA VAL C 121 0.41 -6.27 -6.39
C VAL C 121 1.92 -6.08 -6.32
N TRP C 122 2.64 -6.69 -7.26
CA TRP C 122 4.09 -6.69 -7.24
C TRP C 122 4.62 -5.86 -8.40
N GLY C 123 5.92 -5.55 -8.33
CA GLY C 123 6.55 -4.70 -9.33
C GLY C 123 7.09 -5.48 -10.50
N GLN C 124 7.67 -4.74 -11.45
CA GLN C 124 8.33 -5.36 -12.58
C GLN C 124 9.64 -6.01 -12.16
N GLY C 125 10.42 -5.32 -11.33
CA GLY C 125 11.74 -5.78 -10.95
C GLY C 125 12.83 -4.84 -11.43
N THR C 126 13.57 -4.26 -10.49
CA THR C 126 14.67 -3.34 -10.81
C THR C 126 15.97 -4.10 -10.59
N THR C 127 16.50 -4.69 -11.66
CA THR C 127 17.76 -5.40 -11.58
C THR C 127 18.90 -4.40 -11.38
N VAL C 128 19.64 -4.54 -10.29
CA VAL C 128 20.69 -3.61 -9.92
C VAL C 128 22.02 -4.37 -9.88
N THR C 129 23.02 -3.84 -10.58
CA THR C 129 24.33 -4.45 -10.68
C THR C 129 25.37 -3.49 -10.13
N VAL C 130 26.02 -3.88 -9.04
CA VAL C 130 27.08 -3.10 -8.44
C VAL C 130 28.40 -3.72 -8.87
N SER C 131 29.10 -3.06 -9.79
CA SER C 131 30.37 -3.54 -10.29
C SER C 131 31.30 -2.35 -10.49
N SER C 132 32.58 -2.66 -10.68
CA SER C 132 33.57 -1.67 -11.05
C SER C 132 34.05 -1.84 -12.49
N ALA C 133 33.34 -2.63 -13.28
CA ALA C 133 33.68 -2.90 -14.66
C ALA C 133 32.78 -2.09 -15.60
N SER C 134 33.12 -2.13 -16.88
CA SER C 134 32.42 -1.34 -17.90
C SER C 134 32.04 -2.23 -19.07
N THR C 135 31.25 -1.67 -19.98
CA THR C 135 30.68 -2.40 -21.10
C THR C 135 31.74 -3.04 -22.00
N LYS C 136 31.85 -4.36 -21.94
CA LYS C 136 32.78 -5.13 -22.76
C LYS C 136 32.02 -6.09 -23.66
N GLY C 137 32.50 -6.26 -24.89
CA GLY C 137 31.91 -7.17 -25.83
C GLY C 137 32.32 -8.61 -25.58
N PRO C 138 31.42 -9.54 -25.85
CA PRO C 138 31.71 -10.95 -25.59
C PRO C 138 32.56 -11.56 -26.70
N SER C 139 33.22 -12.65 -26.34
CA SER C 139 34.00 -13.46 -27.27
C SER C 139 33.29 -14.81 -27.45
N VAL C 140 33.18 -15.25 -28.69
CA VAL C 140 32.45 -16.47 -29.03
C VAL C 140 33.46 -17.50 -29.50
N PHE C 141 33.78 -18.47 -28.64
CA PHE C 141 34.68 -19.54 -28.99
C PHE C 141 33.91 -20.84 -29.12
N PRO C 142 34.18 -21.64 -30.15
CA PRO C 142 33.34 -22.83 -30.40
C PRO C 142 33.80 -24.03 -29.59
N LEU C 143 32.83 -24.76 -29.05
CA LEU C 143 33.09 -26.04 -28.37
C LEU C 143 32.88 -27.13 -29.41
N ALA C 144 33.97 -27.50 -30.10
CA ALA C 144 33.89 -28.49 -31.17
C ALA C 144 33.89 -29.90 -30.59
N PRO C 145 33.14 -30.83 -31.19
CA PRO C 145 33.13 -32.24 -30.76
C PRO C 145 34.47 -32.93 -31.00
N THR C 154 25.04 -40.33 -29.85
CA THR C 154 24.81 -38.97 -30.34
C THR C 154 26.00 -38.06 -30.01
N ALA C 155 26.03 -36.89 -30.65
CA ALA C 155 27.11 -35.94 -30.48
C ALA C 155 26.61 -34.67 -29.82
N ALA C 156 27.51 -33.99 -29.09
CA ALA C 156 27.20 -32.76 -28.39
C ALA C 156 28.18 -31.68 -28.81
N LEU C 157 27.64 -30.51 -29.16
CA LEU C 157 28.43 -29.36 -29.57
C LEU C 157 27.85 -28.12 -28.91
N GLY C 158 28.61 -27.03 -28.94
CA GLY C 158 28.13 -25.81 -28.32
C GLY C 158 29.04 -24.64 -28.59
N CYS C 159 28.53 -23.46 -28.27
CA CYS C 159 29.27 -22.21 -28.33
C CYS C 159 29.58 -21.75 -26.91
N LEU C 160 30.65 -20.98 -26.77
CA LEU C 160 31.09 -20.50 -25.45
C LEU C 160 31.22 -18.99 -25.50
N VAL C 161 30.27 -18.30 -24.86
CA VAL C 161 30.27 -16.85 -24.80
C VAL C 161 31.03 -16.42 -23.55
N LYS C 162 32.14 -15.71 -23.73
CA LYS C 162 33.07 -15.46 -22.64
C LYS C 162 33.37 -13.96 -22.52
N ASP C 163 33.50 -13.49 -21.28
CA ASP C 163 33.97 -12.15 -20.95
C ASP C 163 33.11 -11.07 -21.58
N TYR C 164 32.02 -10.70 -20.91
CA TYR C 164 31.19 -9.60 -21.38
C TYR C 164 30.59 -8.88 -20.18
N PHE C 165 30.05 -7.69 -20.45
CA PHE C 165 29.44 -6.83 -19.43
C PHE C 165 28.60 -5.76 -20.12
N PRO C 166 27.37 -5.53 -19.67
CA PRO C 166 26.72 -6.33 -18.62
C PRO C 166 25.88 -7.44 -19.21
N GLU C 167 25.23 -8.23 -18.36
CA GLU C 167 24.19 -9.12 -18.82
C GLU C 167 23.06 -8.27 -19.39
N PRO C 168 22.32 -8.77 -20.40
CA PRO C 168 22.24 -10.11 -20.98
C PRO C 168 22.83 -10.25 -22.38
N VAL C 169 23.07 -11.51 -22.76
CA VAL C 169 23.33 -11.89 -24.13
C VAL C 169 22.25 -12.88 -24.55
N THR C 170 21.97 -12.93 -25.84
CA THR C 170 20.96 -13.83 -26.40
C THR C 170 21.62 -14.72 -27.44
N VAL C 171 21.68 -16.02 -27.16
CA VAL C 171 22.22 -17.00 -28.09
C VAL C 171 21.06 -17.79 -28.68
N SER C 172 21.12 -18.02 -29.99
CA SER C 172 20.10 -18.81 -30.68
C SER C 172 20.76 -19.51 -31.85
N TRP C 173 20.47 -20.79 -32.02
CA TRP C 173 21.18 -21.57 -33.02
C TRP C 173 20.49 -21.49 -34.37
N ASN C 174 21.25 -21.83 -35.41
CA ASN C 174 20.92 -21.77 -36.83
C ASN C 174 19.69 -20.92 -37.15
N SER C 175 19.75 -19.64 -36.79
CA SER C 175 18.72 -18.65 -37.16
C SER C 175 17.33 -19.09 -36.71
N GLY C 176 17.24 -19.57 -35.48
CA GLY C 176 15.95 -19.97 -34.93
C GLY C 176 15.32 -21.14 -35.66
N ALA C 177 16.12 -22.14 -36.03
CA ALA C 177 15.62 -23.35 -36.66
C ALA C 177 16.06 -24.61 -35.94
N LEU C 178 16.85 -24.48 -34.87
CA LEU C 178 17.28 -25.62 -34.05
C LEU C 178 16.93 -25.29 -32.61
N THR C 179 15.84 -25.87 -32.10
CA THR C 179 15.45 -25.74 -30.72
C THR C 179 15.25 -27.08 -30.03
N SER C 180 15.42 -28.19 -30.75
CA SER C 180 15.16 -29.53 -30.22
C SER C 180 16.43 -30.02 -29.53
N GLY C 181 16.42 -30.03 -28.19
CA GLY C 181 17.58 -30.39 -27.42
C GLY C 181 18.57 -29.27 -27.18
N VAL C 182 18.13 -28.02 -27.27
CA VAL C 182 19.02 -26.88 -27.09
C VAL C 182 19.02 -26.49 -25.61
N HIS C 183 20.21 -26.27 -25.05
CA HIS C 183 20.36 -25.85 -23.66
C HIS C 183 21.10 -24.52 -23.63
N THR C 184 20.43 -23.48 -23.14
CA THR C 184 21.05 -22.17 -22.91
C THR C 184 21.29 -22.04 -21.41
N PHE C 185 22.56 -22.09 -21.01
CA PHE C 185 22.92 -22.09 -19.61
C PHE C 185 22.93 -20.67 -19.03
N PRO C 186 22.69 -20.54 -17.72
CA PRO C 186 22.75 -19.22 -17.09
C PRO C 186 24.17 -18.71 -17.01
N ALA C 187 24.28 -17.38 -16.90
CA ALA C 187 25.57 -16.73 -16.81
C ALA C 187 26.21 -16.97 -15.45
N VAL C 188 27.53 -16.84 -15.41
CA VAL C 188 28.31 -17.02 -14.18
C VAL C 188 29.27 -15.84 -14.06
N LEU C 189 29.11 -15.06 -13.00
CA LEU C 189 30.05 -13.96 -12.75
C LEU C 189 31.40 -14.52 -12.32
N GLN C 190 32.46 -13.95 -12.87
CA GLN C 190 33.80 -14.51 -12.74
C GLN C 190 34.64 -13.68 -11.77
N SER C 191 35.87 -14.14 -11.56
CA SER C 191 36.83 -13.40 -10.74
C SER C 191 37.20 -12.07 -11.39
N SER C 192 37.22 -12.02 -12.73
CA SER C 192 37.56 -10.78 -13.42
C SER C 192 36.48 -9.72 -13.23
N GLY C 193 35.24 -10.14 -12.96
CA GLY C 193 34.12 -9.24 -12.84
C GLY C 193 33.19 -9.26 -14.04
N LEU C 194 33.55 -9.97 -15.11
CA LEU C 194 32.72 -10.07 -16.29
C LEU C 194 31.82 -11.30 -16.20
N TYR C 195 31.06 -11.54 -17.25
CA TYR C 195 30.13 -12.66 -17.32
C TYR C 195 30.56 -13.66 -18.39
N SER C 196 29.96 -14.85 -18.33
CA SER C 196 30.15 -15.86 -19.36
C SER C 196 29.06 -16.91 -19.23
N LEU C 197 28.68 -17.49 -20.37
CA LEU C 197 27.72 -18.57 -20.40
C LEU C 197 27.95 -19.39 -21.66
N SER C 198 27.50 -20.63 -21.62
CA SER C 198 27.68 -21.56 -22.74
C SER C 198 26.32 -22.05 -23.22
N SER C 199 26.11 -22.01 -24.53
CA SER C 199 24.92 -22.58 -25.13
C SER C 199 25.34 -23.83 -25.90
N VAL C 200 24.72 -24.96 -25.58
CA VAL C 200 25.08 -26.25 -26.17
C VAL C 200 23.83 -26.95 -26.66
N VAL C 201 24.03 -27.98 -27.48
CA VAL C 201 22.95 -28.75 -28.06
C VAL C 201 23.49 -30.09 -28.51
N THR C 202 22.64 -31.11 -28.47
CA THR C 202 22.98 -32.43 -28.98
C THR C 202 22.27 -32.68 -30.32
N VAL C 203 22.83 -33.60 -31.09
CA VAL C 203 22.42 -33.85 -32.47
C VAL C 203 22.58 -35.34 -32.74
N PRO C 204 22.25 -35.85 -33.93
CA PRO C 204 22.71 -37.20 -34.28
C PRO C 204 24.13 -37.19 -34.83
N SER C 205 24.89 -38.22 -34.44
CA SER C 205 26.29 -38.30 -34.85
C SER C 205 26.43 -38.35 -36.36
N SER C 206 25.48 -38.99 -37.04
CA SER C 206 25.51 -39.09 -38.50
C SER C 206 25.25 -37.76 -39.18
N SER C 207 24.90 -36.71 -38.44
CA SER C 207 24.70 -35.39 -39.01
C SER C 207 25.95 -34.53 -38.99
N LEU C 208 27.00 -34.94 -38.27
CA LEU C 208 28.27 -34.23 -38.27
C LEU C 208 29.01 -34.57 -39.56
N GLY C 209 28.48 -34.08 -40.66
CA GLY C 209 29.05 -34.34 -41.97
C GLY C 209 28.14 -33.97 -43.10
N THR C 210 26.94 -33.47 -42.78
CA THR C 210 26.04 -32.97 -43.81
C THR C 210 25.34 -31.67 -43.42
N GLN C 211 25.19 -31.37 -42.14
CA GLN C 211 24.45 -30.21 -41.66
C GLN C 211 25.41 -29.26 -40.94
N THR C 212 25.40 -27.99 -41.34
CA THR C 212 26.23 -26.97 -40.72
C THR C 212 25.45 -26.28 -39.60
N TYR C 213 26.08 -26.20 -38.43
CA TYR C 213 25.46 -25.58 -37.26
C TYR C 213 26.14 -24.26 -36.94
N ILE C 214 25.36 -23.19 -36.85
CA ILE C 214 25.87 -21.87 -36.52
C ILE C 214 25.08 -21.31 -35.34
N CYS C 215 25.80 -20.69 -34.40
CA CYS C 215 25.19 -19.99 -33.29
C CYS C 215 25.39 -18.49 -33.47
N ASN C 216 24.35 -17.72 -33.19
CA ASN C 216 24.41 -16.27 -33.29
C ASN C 216 24.33 -15.68 -31.88
N VAL C 217 25.46 -15.15 -31.41
CA VAL C 217 25.53 -14.45 -30.13
C VAL C 217 25.21 -12.99 -30.38
N ASN C 218 24.42 -12.41 -29.48
CA ASN C 218 23.93 -11.04 -29.65
C ASN C 218 24.06 -10.30 -28.33
N HIS C 219 24.98 -9.34 -28.27
CA HIS C 219 25.11 -8.45 -27.13
C HIS C 219 24.82 -7.03 -27.61
N LYS C 220 23.86 -6.38 -26.97
CA LYS C 220 23.38 -5.08 -27.43
C LYS C 220 23.98 -3.89 -26.68
N PRO C 221 24.38 -4.03 -25.39
CA PRO C 221 25.15 -2.94 -24.76
C PRO C 221 26.33 -2.49 -25.61
N SER C 222 27.22 -3.41 -25.97
CA SER C 222 28.24 -3.17 -26.99
C SER C 222 27.75 -3.85 -28.26
N ASN C 223 27.31 -3.04 -29.23
CA ASN C 223 26.64 -3.54 -30.42
C ASN C 223 27.42 -4.67 -31.08
N THR C 224 27.24 -5.89 -30.58
CA THR C 224 28.01 -7.05 -31.02
C THR C 224 27.07 -8.08 -31.63
N LYS C 225 27.53 -8.73 -32.70
CA LYS C 225 26.77 -9.78 -33.36
C LYS C 225 27.77 -10.75 -33.98
N VAL C 226 27.80 -11.98 -33.49
CA VAL C 226 28.76 -12.99 -33.94
C VAL C 226 27.99 -14.26 -34.29
N ASP C 227 27.99 -14.63 -35.57
CA ASP C 227 27.36 -15.87 -36.02
C ASP C 227 28.48 -16.89 -36.28
N LYS C 228 28.86 -17.60 -35.23
CA LYS C 228 29.97 -18.54 -35.28
C LYS C 228 29.54 -19.86 -35.92
N ARG C 229 30.49 -20.50 -36.61
CA ARG C 229 30.26 -21.77 -37.29
C ARG C 229 31.04 -22.86 -36.57
N VAL C 230 30.33 -23.81 -35.96
CA VAL C 230 30.93 -24.89 -35.20
C VAL C 230 31.11 -26.10 -36.10
N GLU C 231 32.32 -26.64 -36.11
CA GLU C 231 32.69 -27.75 -36.99
C GLU C 231 33.46 -28.81 -36.22
N PRO C 232 33.33 -30.09 -36.60
CA PRO C 232 34.08 -31.14 -35.93
C PRO C 232 35.52 -31.26 -36.41
N LYS C 233 36.14 -32.42 -36.15
CA LYS C 233 37.46 -32.88 -36.57
C LYS C 233 38.56 -32.44 -35.61
N SER C 234 39.40 -33.41 -35.20
CA SER C 234 40.47 -33.20 -34.22
C SER C 234 41.48 -34.33 -34.39
N CYS C 235 42.48 -34.35 -33.51
CA CYS C 235 43.53 -35.37 -33.55
C CYS C 235 43.63 -36.13 -32.22
N ASN D 2 -5.45 13.02 21.95
CA ASN D 2 -4.13 12.54 22.37
C ASN D 2 -3.18 13.73 22.43
N LEU D 3 -3.12 14.40 23.58
CA LEU D 3 -2.44 15.69 23.65
C LEU D 3 -0.93 15.53 23.54
N HIS D 4 -0.35 14.67 24.39
CA HIS D 4 1.08 14.38 24.30
C HIS D 4 1.55 14.24 22.85
N PHE D 5 0.83 13.44 22.07
CA PHE D 5 1.19 13.28 20.67
C PHE D 5 0.87 14.53 19.87
N CYS D 6 -0.27 15.17 20.17
CA CYS D 6 -0.60 16.46 19.57
C CYS D 6 0.53 17.46 19.75
N GLN D 7 0.98 17.65 21.00
CA GLN D 7 2.08 18.57 21.25
C GLN D 7 3.35 18.10 20.57
N LEU D 8 3.61 16.78 20.63
CA LEU D 8 4.75 16.20 19.93
C LEU D 8 4.73 16.55 18.45
N ARG D 9 3.55 16.56 17.83
CA ARG D 9 3.46 16.85 16.40
C ARG D 9 3.72 18.33 16.13
N CYS D 10 2.97 19.20 16.80
CA CYS D 10 2.98 20.59 16.38
C CYS D 10 4.33 21.26 16.61
N LYS D 11 5.23 20.66 17.41
CA LYS D 11 6.58 21.19 17.51
C LYS D 11 7.47 20.78 16.33
N SER D 12 7.12 19.71 15.62
CA SER D 12 7.74 19.47 14.31
C SER D 12 7.62 20.70 13.43
N LEU D 13 6.44 21.32 13.44
CA LEU D 13 6.21 22.55 12.70
C LEU D 13 6.66 23.79 13.48
N GLY D 14 7.04 23.63 14.74
CA GLY D 14 7.43 24.76 15.57
C GLY D 14 6.28 25.46 16.26
N LEU D 15 5.18 24.76 16.51
CA LEU D 15 3.98 25.34 17.11
C LEU D 15 3.59 24.57 18.37
N LEU D 16 2.71 25.17 19.17
CA LEU D 16 2.23 24.49 20.36
C LEU D 16 1.01 23.64 19.99
N GLY D 17 0.69 22.67 20.89
CA GLY D 17 -0.38 21.73 20.65
C GLY D 17 -1.61 22.05 21.49
N ARG D 18 -2.76 22.09 20.81
CA ARG D 18 -4.05 22.37 21.43
C ARG D 18 -5.00 21.22 21.14
N CYS D 19 -5.65 20.67 22.18
CA CYS D 19 -6.78 19.77 21.96
C CYS D 19 -7.97 20.59 21.47
N ALA D 20 -8.59 20.14 20.37
CA ALA D 20 -9.83 20.76 19.92
C ALA D 20 -10.94 19.72 20.01
N THR D 22 -11.69 16.03 20.51
CA THR D 22 -10.97 14.77 20.42
C THR D 22 -9.84 14.86 19.43
N CYS D 24 -6.46 17.11 17.39
CA CYS D 24 -5.30 17.95 17.60
C CYS D 24 -5.24 19.23 16.78
N ALA D 25 -4.92 20.33 17.45
CA ALA D 25 -4.77 21.64 16.82
C ALA D 25 -3.44 22.27 17.19
N CYS D 26 -2.85 22.98 16.24
CA CYS D 26 -1.54 23.59 16.38
C CYS D 26 -1.65 25.11 16.35
N VAL D 27 -1.18 25.75 17.40
CA VAL D 27 -0.79 27.17 17.45
C VAL D 27 0.25 27.41 18.50
#